data_4K85
#
_entry.id   4K85
#
_cell.length_a   56.191
_cell.length_b   132.677
_cell.length_c   62.107
_cell.angle_alpha   90.00
_cell.angle_beta   96.98
_cell.angle_gamma   90.00
#
_symmetry.space_group_name_H-M   'P 1 21 1'
#
loop_
_entity.id
_entity.type
_entity.pdbx_description
1 polymer 'Glycolipid transfer protein domain-containing protein 1'
2 non-polymer '(2S,3R,4E)-2-(dodecanoylamino)-3-hydroxyoctadec-4-en-1-yl dihydrogen phosphate'
3 water water
#
_entity_poly.entity_id   1
_entity_poly.type   'polypeptide(L)'
_entity_poly.pdbx_seq_one_letter_code
;SMDDSETGFNLKVVLVSFKQCLDEKEEVLLDPYIASWKGLVRFLNSLGTIFSFISKDVVSKLRIMERLRGGPQSEHYRSL
QAMVAHELSNRLVDLERRSHHPESGCRTVLRLHRALHWLQLFLEGLRTSPEDARTSALCADSYNASLAAYHPWVVRRAVT
VAFCTLPTREVFLEAMNVGPPEQAVQMLGEALPFIQRVYNVSQKLYAEHSLLDLP
;
_entity_poly.pdbx_strand_id   A,B,C,D
#
loop_
_chem_comp.id
_chem_comp.type
_chem_comp.name
_chem_comp.formula
1PZ non-polymer '(2S,3R,4E)-2-(dodecanoylamino)-3-hydroxyoctadec-4-en-1-yl dihydrogen phosphate' 'C30 H60 N O6 P'
#
# COMPACT_ATOMS: atom_id res chain seq x y z
N GLY A 8 13.26 21.81 17.61
CA GLY A 8 14.40 22.37 16.91
C GLY A 8 14.19 22.39 15.41
N PHE A 9 13.88 21.23 14.84
CA PHE A 9 13.61 21.14 13.41
C PHE A 9 12.16 21.47 13.12
N ASN A 10 11.93 22.30 12.12
CA ASN A 10 10.56 22.68 11.75
C ASN A 10 10.53 23.21 10.33
N LEU A 11 9.33 23.37 9.78
CA LEU A 11 9.19 23.77 8.38
C LEU A 11 9.76 25.16 8.12
N LYS A 12 9.74 26.02 9.13
CA LYS A 12 10.25 27.37 8.97
C LYS A 12 11.75 27.35 8.72
N VAL A 13 12.47 26.52 9.46
CA VAL A 13 13.91 26.39 9.26
C VAL A 13 14.20 26.00 7.81
N VAL A 14 13.43 25.08 7.27
CA VAL A 14 13.68 24.63 5.90
C VAL A 14 13.39 25.73 4.88
N LEU A 15 12.22 26.34 4.98
CA LEU A 15 11.83 27.36 4.02
C LEU A 15 12.85 28.49 4.00
N VAL A 16 13.28 28.89 5.19
CA VAL A 16 14.23 29.99 5.34
C VAL A 16 15.63 29.64 4.83
N SER A 17 15.96 28.36 4.79
CA SER A 17 17.25 27.95 4.25
C SER A 17 17.41 28.30 2.76
N PHE A 18 16.28 28.45 2.07
CA PHE A 18 16.32 28.86 0.65
C PHE A 18 16.95 30.24 0.43
N LYS A 19 16.96 31.07 1.46
CA LYS A 19 17.70 32.32 1.41
C LYS A 19 19.15 32.07 1.00
N GLN A 20 19.71 30.96 1.46
CA GLN A 20 21.10 30.61 1.19
C GLN A 20 21.35 30.19 -0.27
N CYS A 21 20.28 29.90 -1.01
CA CYS A 21 20.40 29.42 -2.39
C CYS A 21 20.67 30.53 -3.42
N LEU A 22 20.50 31.78 -3.01
CA LEU A 22 20.73 32.89 -3.91
C LEU A 22 21.83 33.80 -3.37
N ASP A 23 22.85 34.04 -4.19
CA ASP A 23 23.92 34.94 -3.77
C ASP A 23 23.65 36.38 -4.23
N GLU A 24 24.65 37.23 -4.05
CA GLU A 24 24.51 38.66 -4.33
C GLU A 24 24.19 38.91 -5.80
N LYS A 25 24.50 37.96 -6.65
CA LYS A 25 24.23 38.10 -8.09
C LYS A 25 23.05 37.25 -8.49
N GLU A 26 22.37 36.68 -7.49
CA GLU A 26 21.24 35.78 -7.71
C GLU A 26 21.58 34.59 -8.62
N GLU A 27 22.82 34.15 -8.55
CA GLU A 27 23.15 32.81 -8.98
C GLU A 27 22.38 31.89 -8.03
N VAL A 28 21.80 30.82 -8.59
CA VAL A 28 21.16 29.81 -7.75
C VAL A 28 22.20 28.77 -7.38
N LEU A 29 22.71 28.84 -6.15
CA LEU A 29 23.82 27.99 -5.74
C LEU A 29 23.34 26.57 -5.48
N LEU A 30 23.99 25.59 -6.10
CA LEU A 30 23.53 24.21 -6.08
C LEU A 30 23.69 23.49 -4.73
N ASP A 31 24.82 23.68 -4.06
CA ASP A 31 25.01 23.04 -2.76
C ASP A 31 23.89 23.43 -1.75
N PRO A 32 23.64 24.74 -1.56
CA PRO A 32 22.54 25.12 -0.65
C PRO A 32 21.18 24.62 -1.15
N TYR A 33 21.00 24.57 -2.47
CA TYR A 33 19.74 24.10 -3.04
C TYR A 33 19.50 22.64 -2.64
N ILE A 34 20.55 21.83 -2.73
CA ILE A 34 20.50 20.44 -2.32
C ILE A 34 20.19 20.32 -0.82
N ALA A 35 20.90 21.11 -0.02
CA ALA A 35 20.72 21.12 1.42
C ALA A 35 19.27 21.45 1.79
N SER A 36 18.71 22.46 1.12
CA SER A 36 17.32 22.83 1.35
C SER A 36 16.37 21.71 0.98
N TRP A 37 16.60 21.06 -0.15
CA TRP A 37 15.76 19.93 -0.54
C TRP A 37 15.88 18.76 0.46
N LYS A 38 17.06 18.56 1.02
CA LYS A 38 17.20 17.51 2.03
C LYS A 38 16.34 17.86 3.25
N GLY A 39 16.22 19.15 3.52
CA GLY A 39 15.36 19.61 4.58
C GLY A 39 13.91 19.30 4.27
N LEU A 40 13.49 19.57 3.04
CA LEU A 40 12.13 19.23 2.63
C LEU A 40 11.82 17.74 2.72
N VAL A 41 12.77 16.89 2.36
CA VAL A 41 12.58 15.46 2.45
C VAL A 41 12.40 15.03 3.92
N ARG A 42 13.22 15.60 4.78
CA ARG A 42 13.12 15.25 6.21
C ARG A 42 11.75 15.68 6.73
N PHE A 43 11.31 16.87 6.34
CA PHE A 43 9.97 17.30 6.73
C PHE A 43 8.89 16.36 6.20
N LEU A 44 8.94 16.07 4.91
CA LEU A 44 7.98 15.18 4.29
C LEU A 44 7.91 13.85 5.05
N ASN A 45 9.07 13.25 5.28
CA ASN A 45 9.13 11.98 5.99
C ASN A 45 8.57 12.07 7.40
N SER A 46 8.57 13.28 7.99
CA SER A 46 8.10 13.42 9.37
C SER A 46 6.58 13.40 9.46
N LEU A 47 5.92 13.61 8.32
CA LEU A 47 4.46 13.72 8.27
C LEU A 47 3.76 12.37 8.33
N GLY A 48 4.50 11.29 8.02
CA GLY A 48 3.94 9.96 8.10
C GLY A 48 2.73 9.75 7.18
N THR A 49 2.83 10.23 5.95
CA THR A 49 1.78 10.00 4.95
C THR A 49 2.26 8.96 3.94
N ILE A 50 1.37 8.56 3.02
CA ILE A 50 1.70 7.58 1.99
C ILE A 50 2.73 8.13 1.01
N PHE A 51 2.91 9.45 1.00
CA PHE A 51 3.81 10.07 0.02
C PHE A 51 5.27 9.91 0.42
N SER A 52 5.54 9.38 1.61
CA SER A 52 6.90 8.98 1.92
C SER A 52 7.41 7.95 0.91
N PHE A 53 6.48 7.27 0.26
CA PHE A 53 6.79 6.30 -0.78
C PHE A 53 7.56 6.94 -1.93
N ILE A 54 7.44 8.27 -2.08
CA ILE A 54 8.10 8.95 -3.21
C ILE A 54 9.33 9.78 -2.83
N SER A 55 9.69 9.80 -1.54
CA SER A 55 10.89 10.50 -1.08
C SER A 55 12.13 10.05 -1.83
N LYS A 56 12.20 8.76 -2.12
CA LYS A 56 13.38 8.20 -2.79
C LYS A 56 13.67 8.87 -4.14
N ASP A 57 12.64 9.28 -4.86
CA ASP A 57 12.87 9.92 -6.15
C ASP A 57 13.62 11.24 -5.99
N VAL A 58 13.19 12.01 -5.00
CA VAL A 58 13.89 13.24 -4.70
C VAL A 58 15.32 12.95 -4.30
N VAL A 59 15.50 12.01 -3.37
CA VAL A 59 16.82 11.72 -2.87
C VAL A 59 17.74 11.28 -4.01
N SER A 60 17.23 10.45 -4.90
CA SER A 60 18.05 9.93 -6.00
C SER A 60 18.48 11.07 -6.94
N LYS A 61 17.59 12.03 -7.14
CA LYS A 61 17.93 13.20 -7.92
C LYS A 61 18.97 14.07 -7.23
N LEU A 62 18.86 14.21 -5.91
CA LEU A 62 19.87 15.00 -5.20
C LEU A 62 21.23 14.33 -5.32
N ARG A 63 21.26 13.01 -5.26
CA ARG A 63 22.53 12.30 -5.34
C ARG A 63 23.18 12.45 -6.72
N ILE A 64 22.36 12.46 -7.76
CA ILE A 64 22.88 12.73 -9.10
C ILE A 64 23.60 14.07 -9.11
N MET A 65 22.96 15.08 -8.55
CA MET A 65 23.54 16.41 -8.49
C MET A 65 24.80 16.44 -7.61
N GLU A 66 24.76 15.74 -6.48
CA GLU A 66 25.93 15.70 -5.62
C GLU A 66 27.12 15.05 -6.33
N ARG A 67 26.84 14.04 -7.15
CA ARG A 67 27.92 13.37 -7.87
C ARG A 67 28.50 14.26 -8.96
N LEU A 68 27.67 15.11 -9.58
CA LEU A 68 28.20 16.09 -10.51
C LEU A 68 29.09 17.11 -9.78
N ARG A 69 28.65 17.51 -8.59
CA ARG A 69 29.42 18.45 -7.76
C ARG A 69 30.71 17.83 -7.26
N GLY A 70 30.73 16.51 -7.13
CA GLY A 70 31.93 15.82 -6.72
C GLY A 70 32.86 15.45 -7.86
N GLY A 71 32.52 15.84 -9.09
CA GLY A 71 33.24 15.38 -10.27
C GLY A 71 34.28 16.35 -10.84
N PRO A 72 34.85 16.00 -12.00
CA PRO A 72 35.93 16.74 -12.67
C PRO A 72 35.48 18.09 -13.21
N GLN A 73 34.18 18.32 -13.28
CA GLN A 73 33.65 19.59 -13.77
C GLN A 73 32.82 20.26 -12.68
N SER A 74 33.10 19.90 -11.43
CA SER A 74 32.34 20.37 -10.27
C SER A 74 32.10 21.87 -10.29
N GLU A 75 33.11 22.64 -10.66
CA GLU A 75 32.99 24.10 -10.66
C GLU A 75 31.90 24.63 -11.59
N HIS A 76 31.63 23.91 -12.68
CA HIS A 76 30.56 24.30 -13.59
C HIS A 76 29.16 23.96 -13.06
N TYR A 77 29.11 23.23 -11.95
CA TYR A 77 27.84 22.92 -11.29
C TYR A 77 27.62 23.76 -10.03
N ARG A 78 28.47 24.76 -9.82
CA ARG A 78 28.36 25.57 -8.60
C ARG A 78 27.01 26.31 -8.52
N SER A 79 26.55 26.82 -9.65
CA SER A 79 25.25 27.48 -9.77
C SER A 79 24.43 26.87 -10.90
N LEU A 80 23.12 26.98 -10.81
CA LEU A 80 22.28 26.49 -11.90
C LEU A 80 22.62 27.19 -13.20
N GLN A 81 22.92 28.48 -13.12
CA GLN A 81 23.30 29.24 -14.32
C GLN A 81 24.58 28.67 -14.94
N ALA A 82 25.56 28.37 -14.10
CA ALA A 82 26.80 27.80 -14.61
C ALA A 82 26.55 26.43 -15.23
N MET A 83 25.69 25.64 -14.59
CA MET A 83 25.33 24.30 -15.07
C MET A 83 24.72 24.36 -16.46
N VAL A 84 23.73 25.23 -16.65
CA VAL A 84 23.07 25.38 -17.95
C VAL A 84 24.08 25.77 -19.04
N ALA A 85 24.92 26.75 -18.75
CA ALA A 85 25.93 27.19 -19.74
C ALA A 85 26.85 26.04 -20.14
N HIS A 86 27.38 25.35 -19.14
CA HIS A 86 28.30 24.23 -19.35
C HIS A 86 27.68 23.06 -20.14
N GLU A 87 26.49 22.65 -19.72
CA GLU A 87 25.87 21.48 -20.33
C GLU A 87 25.34 21.75 -21.75
N LEU A 88 24.80 22.95 -22.00
CA LEU A 88 24.41 23.33 -23.36
C LEU A 88 25.64 23.47 -24.27
N SER A 89 26.69 24.10 -23.77
CA SER A 89 27.86 24.36 -24.63
C SER A 89 28.64 23.10 -24.95
N ASN A 90 28.49 22.08 -24.11
CA ASN A 90 29.18 20.82 -24.36
C ASN A 90 28.27 19.70 -24.84
N ARG A 91 27.03 20.04 -25.18
CA ARG A 91 26.01 19.06 -25.56
C ARG A 91 25.88 17.90 -24.59
N LEU A 92 25.76 18.20 -23.30
CA LEU A 92 25.55 17.17 -22.30
C LEU A 92 24.08 17.14 -21.83
N VAL A 93 23.20 17.79 -22.59
CA VAL A 93 21.76 17.75 -22.31
C VAL A 93 20.98 17.20 -23.49
N ASP A 94 20.13 16.22 -23.26
CA ASP A 94 19.22 15.76 -24.30
C ASP A 94 18.03 16.72 -24.42
N LEU A 95 17.92 17.37 -25.55
CA LEU A 95 16.95 18.42 -25.73
C LEU A 95 15.60 17.93 -26.22
N GLU A 96 15.62 16.90 -27.06
CA GLU A 96 14.42 16.49 -27.79
C GLU A 96 13.85 15.19 -27.24
N ARG A 97 14.71 14.19 -27.11
CA ARG A 97 14.28 12.89 -26.64
C ARG A 97 15.42 12.33 -25.81
N ARG A 98 15.13 11.43 -24.88
CA ARG A 98 16.18 10.85 -24.06
C ARG A 98 17.14 9.98 -24.86
N SER A 99 18.44 10.18 -24.63
CA SER A 99 19.47 9.68 -25.53
C SER A 99 20.64 9.72 -24.54
N HIS A 100 21.86 9.90 -25.03
CA HIS A 100 23.07 9.64 -24.26
C HIS A 100 23.22 10.32 -22.89
N HIS A 101 22.33 11.25 -22.57
CA HIS A 101 22.43 11.95 -21.29
C HIS A 101 21.14 11.91 -20.51
N PRO A 102 20.71 10.72 -20.09
CA PRO A 102 19.43 10.56 -19.42
C PRO A 102 19.43 11.21 -18.04
N GLU A 103 20.62 11.46 -17.49
CA GLU A 103 20.69 12.05 -16.15
C GLU A 103 21.51 13.35 -16.10
N SER A 104 21.35 14.19 -17.12
CA SER A 104 22.03 15.47 -17.15
C SER A 104 21.59 16.30 -15.94
N GLY A 105 22.47 17.17 -15.46
CA GLY A 105 22.12 18.11 -14.42
C GLY A 105 20.90 18.93 -14.82
N CYS A 106 20.85 19.39 -16.08
CA CYS A 106 19.69 20.16 -16.53
C CYS A 106 18.35 19.45 -16.35
N ARG A 107 18.24 18.20 -16.81
CA ARG A 107 16.94 17.52 -16.74
C ARG A 107 16.61 17.11 -15.31
N THR A 108 17.65 16.82 -14.54
CA THR A 108 17.49 16.42 -13.15
C THR A 108 16.97 17.58 -12.31
N VAL A 109 17.65 18.71 -12.37
CA VAL A 109 17.21 19.89 -11.62
C VAL A 109 15.79 20.31 -12.05
N LEU A 110 15.48 20.16 -13.34
CA LEU A 110 14.15 20.51 -13.81
C LEU A 110 13.04 19.82 -13.00
N ARG A 111 13.24 18.54 -12.69
CA ARG A 111 12.24 17.78 -11.93
C ARG A 111 12.05 18.31 -10.52
N LEU A 112 13.15 18.66 -9.86
CA LEU A 112 13.07 19.25 -8.53
C LEU A 112 12.37 20.61 -8.62
N HIS A 113 12.70 21.35 -9.66
CA HIS A 113 12.16 22.69 -9.85
C HIS A 113 10.63 22.63 -10.00
N ARG A 114 10.15 21.73 -10.84
CA ARG A 114 8.72 21.54 -11.00
C ARG A 114 8.06 21.18 -9.67
N ALA A 115 8.75 20.37 -8.86
CA ALA A 115 8.19 19.96 -7.57
C ALA A 115 8.16 21.14 -6.61
N LEU A 116 9.16 22.00 -6.72
CA LEU A 116 9.21 23.22 -5.91
C LEU A 116 8.01 24.11 -6.26
N HIS A 117 7.71 24.20 -7.54
CA HIS A 117 6.53 24.95 -7.99
C HIS A 117 5.26 24.42 -7.34
N TRP A 118 5.09 23.10 -7.41
CA TRP A 118 3.94 22.48 -6.76
C TRP A 118 3.87 22.84 -5.26
N LEU A 119 5.00 22.69 -4.58
CA LEU A 119 5.05 22.91 -3.14
C LEU A 119 4.68 24.35 -2.78
N GLN A 120 5.17 25.30 -3.58
CA GLN A 120 4.89 26.70 -3.34
C GLN A 120 3.39 26.98 -3.51
N LEU A 121 2.78 26.39 -4.53
CA LEU A 121 1.35 26.57 -4.76
C LEU A 121 0.50 25.94 -3.66
N PHE A 122 0.94 24.77 -3.21
CA PHE A 122 0.25 24.09 -2.12
C PHE A 122 0.33 24.86 -0.80
N LEU A 123 1.53 25.28 -0.42
CA LEU A 123 1.71 26.05 0.80
C LEU A 123 1.01 27.42 0.76
N GLU A 124 1.04 28.10 -0.40
CA GLU A 124 0.34 29.37 -0.54
C GLU A 124 -1.17 29.13 -0.40
N GLY A 125 -1.64 28.02 -0.96
CA GLY A 125 -3.06 27.73 -0.94
C GLY A 125 -3.51 27.55 0.49
N LEU A 126 -2.72 26.76 1.22
CA LEU A 126 -2.91 26.51 2.63
C LEU A 126 -2.88 27.80 3.44
N ARG A 127 -1.91 28.66 3.12
CA ARG A 127 -1.74 29.91 3.85
C ARG A 127 -3.00 30.79 3.81
N THR A 128 -3.64 30.85 2.64
CA THR A 128 -4.79 31.75 2.48
C THR A 128 -6.12 31.01 2.47
N SER A 129 -6.10 29.72 2.81
CA SER A 129 -7.31 28.91 2.85
C SER A 129 -8.22 29.25 4.03
N PRO A 130 -9.53 29.07 3.85
CA PRO A 130 -10.50 29.19 4.94
C PRO A 130 -10.29 28.03 5.92
N GLU A 131 -10.83 28.13 7.13
CA GLU A 131 -10.64 27.08 8.13
C GLU A 131 -11.29 25.76 7.73
N ASP A 132 -12.29 25.81 6.85
CA ASP A 132 -13.01 24.59 6.46
C ASP A 132 -12.48 23.94 5.18
N ALA A 133 -11.37 24.46 4.66
CA ALA A 133 -10.77 23.92 3.44
C ALA A 133 -10.16 22.53 3.65
N ARG A 134 -10.32 21.66 2.67
CA ARG A 134 -9.75 20.31 2.78
C ARG A 134 -8.33 20.24 2.20
N THR A 135 -7.40 19.70 2.99
CA THR A 135 -6.02 19.51 2.54
C THR A 135 -5.96 18.80 1.19
N SER A 136 -6.83 17.80 1.02
CA SER A 136 -6.86 17.01 -0.19
C SER A 136 -7.16 17.85 -1.42
N ALA A 137 -8.02 18.85 -1.24
CA ALA A 137 -8.41 19.72 -2.34
C ALA A 137 -7.33 20.75 -2.67
N LEU A 138 -6.70 21.29 -1.63
CA LEU A 138 -5.57 22.20 -1.83
C LEU A 138 -4.47 21.51 -2.63
N CYS A 139 -4.24 20.24 -2.32
CA CYS A 139 -3.20 19.45 -2.98
C CYS A 139 -3.50 19.13 -4.42
N ALA A 140 -4.73 18.68 -4.68
CA ALA A 140 -5.12 18.32 -6.03
C ALA A 140 -5.09 19.54 -6.94
N ASP A 141 -5.72 20.62 -6.50
CA ASP A 141 -5.82 21.81 -7.32
C ASP A 141 -4.44 22.33 -7.68
N SER A 142 -3.54 22.35 -6.71
CA SER A 142 -2.18 22.77 -6.97
C SER A 142 -1.42 21.74 -7.82
N TYR A 143 -1.68 20.47 -7.59
CA TYR A 143 -1.05 19.41 -8.38
C TYR A 143 -1.51 19.52 -9.83
N ASN A 144 -2.82 19.63 -10.03
CA ASN A 144 -3.36 19.76 -11.39
C ASN A 144 -2.87 21.03 -12.08
N ALA A 145 -2.57 22.05 -11.28
CA ALA A 145 -2.12 23.32 -11.82
C ALA A 145 -0.72 23.07 -12.37
N SER A 146 0.08 22.28 -11.66
CA SER A 146 1.52 22.20 -11.87
C SER A 146 2.09 20.86 -12.37
N LEU A 147 2.45 20.00 -11.43
CA LEU A 147 3.16 18.76 -11.69
C LEU A 147 2.39 17.78 -12.59
N ALA A 148 1.07 17.80 -12.49
CA ALA A 148 0.24 16.78 -13.13
C ALA A 148 0.53 16.60 -14.63
N ALA A 149 0.69 17.72 -15.34
CA ALA A 149 0.96 17.67 -16.78
C ALA A 149 2.24 16.92 -17.15
N TYR A 150 3.18 16.85 -16.21
CA TYR A 150 4.45 16.19 -16.51
C TYR A 150 4.50 14.72 -16.10
N HIS A 151 3.43 14.22 -15.50
CA HIS A 151 3.40 12.84 -15.01
C HIS A 151 2.54 11.96 -15.91
N PRO A 152 2.94 10.70 -16.11
CA PRO A 152 2.13 9.80 -16.93
C PRO A 152 0.81 9.59 -16.24
N TRP A 153 -0.20 9.20 -16.99
CA TRP A 153 -1.52 9.02 -16.41
C TRP A 153 -1.55 8.08 -15.21
N VAL A 154 -0.78 6.99 -15.24
CA VAL A 154 -0.84 6.02 -14.13
C VAL A 154 -0.38 6.66 -12.80
N VAL A 155 0.64 7.51 -12.88
CA VAL A 155 1.10 8.28 -11.75
C VAL A 155 0.10 9.36 -11.32
N ARG A 156 -0.40 10.14 -12.28
CA ARG A 156 -1.41 11.17 -11.99
C ARG A 156 -2.62 10.60 -11.26
N ARG A 157 -3.15 9.49 -11.76
CA ARG A 157 -4.35 8.93 -11.14
C ARG A 157 -4.05 8.44 -9.71
N ALA A 158 -2.91 7.79 -9.53
CA ALA A 158 -2.56 7.26 -8.21
C ALA A 158 -2.32 8.37 -7.21
N VAL A 159 -1.59 9.39 -7.62
CA VAL A 159 -1.35 10.54 -6.75
C VAL A 159 -2.66 11.23 -6.37
N THR A 160 -3.55 11.39 -7.34
CA THR A 160 -4.80 12.10 -7.12
C THR A 160 -5.64 11.39 -6.08
N VAL A 161 -5.76 10.07 -6.21
CA VAL A 161 -6.49 9.28 -5.23
C VAL A 161 -5.83 9.40 -3.86
N ALA A 162 -4.53 9.18 -3.81
CA ALA A 162 -3.79 9.25 -2.54
C ALA A 162 -4.01 10.57 -1.78
N PHE A 163 -4.30 11.65 -2.49
CA PHE A 163 -4.53 12.95 -1.84
C PHE A 163 -5.68 12.91 -0.81
N CYS A 164 -6.68 12.07 -1.05
CA CYS A 164 -7.83 12.00 -0.15
C CYS A 164 -7.46 11.44 1.22
N THR A 165 -6.31 10.79 1.31
CA THR A 165 -5.85 10.22 2.57
C THR A 165 -5.01 11.19 3.42
N LEU A 166 -4.90 12.44 3.00
CA LEU A 166 -4.07 13.40 3.73
C LEU A 166 -4.71 13.88 5.04
N PRO A 167 -3.88 14.32 6.00
CA PRO A 167 -4.38 14.87 7.26
C PRO A 167 -5.22 16.12 7.04
N THR A 168 -5.95 16.54 8.08
CA THR A 168 -6.74 17.74 7.97
C THR A 168 -5.84 18.96 7.93
N ARG A 169 -6.39 20.06 7.45
CA ARG A 169 -5.71 21.34 7.41
C ARG A 169 -5.07 21.66 8.77
N GLU A 170 -5.84 21.45 9.84
CA GLU A 170 -5.36 21.79 11.18
C GLU A 170 -4.13 20.98 11.53
N VAL A 171 -4.22 19.66 11.34
CA VAL A 171 -3.13 18.75 11.66
C VAL A 171 -1.90 19.06 10.81
N PHE A 172 -2.13 19.36 9.54
CA PHE A 172 -1.04 19.69 8.65
C PHE A 172 -0.30 20.93 9.15
N LEU A 173 -1.05 21.98 9.46
CA LEU A 173 -0.42 23.20 9.94
C LEU A 173 0.34 22.93 11.23
N GLU A 174 -0.27 22.19 12.14
CA GLU A 174 0.41 21.91 13.39
C GLU A 174 1.68 21.08 13.16
N ALA A 175 1.69 20.28 12.10
CA ALA A 175 2.85 19.44 11.82
C ALA A 175 4.08 20.22 11.37
N MET A 176 3.90 21.49 11.04
CA MET A 176 5.02 22.34 10.68
C MET A 176 5.86 22.69 11.90
N ASN A 177 5.28 22.45 13.06
CA ASN A 177 6.00 22.56 14.33
C ASN A 177 6.46 23.98 14.64
N VAL A 178 5.61 24.97 14.35
CA VAL A 178 5.95 26.35 14.64
C VAL A 178 4.90 26.99 15.52
N GLY A 179 4.04 26.17 16.12
CA GLY A 179 2.97 26.65 16.97
C GLY A 179 1.61 26.31 16.41
N PRO A 180 0.55 26.96 16.95
CA PRO A 180 -0.81 26.67 16.50
C PRO A 180 -1.00 27.12 15.06
N PRO A 181 -2.09 26.68 14.41
CA PRO A 181 -2.33 26.95 12.98
C PRO A 181 -2.17 28.42 12.62
N GLU A 182 -2.64 29.31 13.49
CA GLU A 182 -2.54 30.74 13.25
C GLU A 182 -1.09 31.20 13.16
N GLN A 183 -0.23 30.67 14.02
CA GLN A 183 1.19 30.99 13.94
C GLN A 183 1.81 30.40 12.67
N ALA A 184 1.41 29.18 12.35
CA ALA A 184 1.88 28.51 11.13
C ALA A 184 1.57 29.32 9.89
N VAL A 185 0.35 29.83 9.83
CA VAL A 185 -0.07 30.67 8.72
C VAL A 185 0.78 31.94 8.57
N GLN A 186 1.05 32.62 9.69
CA GLN A 186 1.91 33.81 9.61
C GLN A 186 3.32 33.43 9.19
N MET A 187 3.81 32.29 9.68
CA MET A 187 5.14 31.81 9.29
C MET A 187 5.24 31.62 7.79
N LEU A 188 4.23 31.01 7.18
CA LEU A 188 4.28 30.79 5.75
C LEU A 188 4.39 32.12 5.02
N GLY A 189 3.63 33.11 5.47
CA GLY A 189 3.67 34.40 4.81
C GLY A 189 5.06 35.03 4.83
N GLU A 190 5.76 34.86 5.94
CA GLU A 190 7.08 35.47 6.09
C GLU A 190 8.20 34.66 5.44
N ALA A 191 7.99 33.35 5.33
CA ALA A 191 9.05 32.44 4.83
C ALA A 191 8.93 32.01 3.37
N LEU A 192 7.70 31.86 2.88
CA LEU A 192 7.50 31.48 1.48
C LEU A 192 8.23 32.36 0.46
N PRO A 193 8.39 33.66 0.74
CA PRO A 193 9.07 34.47 -0.28
C PRO A 193 10.47 33.94 -0.63
N PHE A 194 11.13 33.25 0.28
CA PHE A 194 12.47 32.73 0.03
C PHE A 194 12.43 31.61 -1.02
N ILE A 195 11.46 30.72 -0.90
CA ILE A 195 11.30 29.66 -1.88
C ILE A 195 10.75 30.21 -3.20
N GLN A 196 9.89 31.23 -3.13
CA GLN A 196 9.38 31.88 -4.33
C GLN A 196 10.49 32.52 -5.13
N ARG A 197 11.41 33.21 -4.45
CA ARG A 197 12.49 33.89 -5.16
C ARG A 197 13.35 32.86 -5.89
N VAL A 198 13.72 31.78 -5.20
CA VAL A 198 14.50 30.70 -5.83
C VAL A 198 13.77 30.13 -7.05
N TYR A 199 12.48 29.90 -6.89
CA TYR A 199 11.67 29.39 -8.01
C TYR A 199 11.66 30.37 -9.20
N ASN A 200 11.38 31.64 -8.92
CA ASN A 200 11.32 32.64 -10.00
C ASN A 200 12.65 32.76 -10.77
N VAL A 201 13.76 32.77 -10.03
CA VAL A 201 15.06 32.93 -10.70
C VAL A 201 15.38 31.67 -11.52
N SER A 202 15.07 30.50 -10.96
CA SER A 202 15.29 29.24 -11.67
C SER A 202 14.37 29.16 -12.89
N GLN A 203 13.11 29.57 -12.75
CA GLN A 203 12.19 29.47 -13.86
C GLN A 203 12.62 30.37 -15.03
N LYS A 204 13.14 31.55 -14.69
CA LYS A 204 13.64 32.46 -15.73
C LYS A 204 14.78 31.81 -16.50
N LEU A 205 15.72 31.23 -15.75
CA LEU A 205 16.84 30.50 -16.34
C LEU A 205 16.36 29.43 -17.33
N TYR A 206 15.47 28.55 -16.87
CA TYR A 206 14.98 27.48 -17.75
C TYR A 206 14.11 27.98 -18.91
N ALA A 207 13.25 28.96 -18.64
CA ALA A 207 12.37 29.49 -19.67
C ALA A 207 13.18 30.15 -20.79
N GLU A 208 14.12 30.99 -20.41
CA GLU A 208 14.90 31.74 -21.40
C GLU A 208 15.77 30.86 -22.29
N HIS A 209 16.08 29.65 -21.81
CA HIS A 209 16.93 28.71 -22.53
C HIS A 209 16.09 27.60 -23.16
N SER A 210 14.78 27.79 -23.15
CA SER A 210 13.85 26.83 -23.73
C SER A 210 14.04 25.43 -23.20
N LEU A 211 14.22 25.32 -21.88
CA LEU A 211 14.49 24.02 -21.26
C LEU A 211 13.31 23.50 -20.46
N LEU A 212 12.13 24.10 -20.64
CA LEU A 212 10.99 23.73 -19.79
C LEU A 212 10.43 22.34 -20.06
N ASP A 213 10.81 21.75 -21.20
CA ASP A 213 10.28 20.44 -21.59
C ASP A 213 11.33 19.35 -21.74
N LEU A 214 12.45 19.44 -21.02
CA LEU A 214 13.50 18.43 -21.14
C LEU A 214 12.99 17.03 -20.79
N PRO A 215 13.31 16.03 -21.63
CA PRO A 215 12.93 14.64 -21.36
C PRO A 215 13.75 14.03 -20.24
N PHE B 9 -11.11 -25.12 -14.28
CA PHE B 9 -10.19 -24.08 -14.77
C PHE B 9 -8.77 -24.29 -14.26
N ASN B 10 -7.79 -24.09 -15.14
CA ASN B 10 -6.40 -24.21 -14.76
C ASN B 10 -5.49 -23.46 -15.72
N LEU B 11 -4.22 -23.35 -15.37
CA LEU B 11 -3.28 -22.59 -16.19
C LEU B 11 -3.03 -23.24 -17.56
N LYS B 12 -3.07 -24.56 -17.64
CA LYS B 12 -2.84 -25.22 -18.92
C LYS B 12 -3.85 -24.77 -19.97
N VAL B 13 -5.13 -24.76 -19.59
CA VAL B 13 -6.17 -24.36 -20.53
C VAL B 13 -5.88 -22.98 -21.09
N VAL B 14 -5.52 -22.05 -20.20
CA VAL B 14 -5.20 -20.67 -20.61
C VAL B 14 -4.01 -20.61 -21.55
N LEU B 15 -2.90 -21.27 -21.19
CA LEU B 15 -1.70 -21.24 -22.01
C LEU B 15 -1.94 -21.86 -23.40
N VAL B 16 -2.61 -23.00 -23.42
CA VAL B 16 -2.85 -23.68 -24.69
C VAL B 16 -3.84 -22.91 -25.56
N SER B 17 -4.71 -22.10 -24.95
CA SER B 17 -5.63 -21.29 -25.76
C SER B 17 -4.90 -20.29 -26.67
N PHE B 18 -3.63 -20.01 -26.39
CA PHE B 18 -2.90 -19.11 -27.29
C PHE B 18 -2.76 -19.71 -28.69
N LYS B 19 -2.97 -21.01 -28.80
CA LYS B 19 -3.01 -21.65 -30.10
C LYS B 19 -4.07 -21.03 -31.01
N GLN B 20 -5.21 -20.66 -30.39
CA GLN B 20 -6.33 -20.06 -31.11
C GLN B 20 -6.07 -18.64 -31.61
N CYS B 21 -5.00 -18.02 -31.12
CA CYS B 21 -4.63 -16.66 -31.51
C CYS B 21 -3.99 -16.50 -32.89
N LEU B 22 -3.50 -17.59 -33.48
CA LEU B 22 -2.83 -17.52 -34.78
C LEU B 22 -3.61 -18.30 -35.82
N ASP B 23 -3.99 -17.65 -36.91
CA ASP B 23 -4.68 -18.35 -38.01
C ASP B 23 -3.67 -18.97 -38.97
N GLU B 24 -4.13 -19.50 -40.10
CA GLU B 24 -3.22 -20.21 -41.02
C GLU B 24 -2.25 -19.26 -41.72
N LYS B 25 -2.53 -17.96 -41.68
CA LYS B 25 -1.61 -16.96 -42.22
C LYS B 25 -0.74 -16.35 -41.13
N GLU B 26 -0.80 -16.92 -39.94
CA GLU B 26 -0.15 -16.36 -38.76
C GLU B 26 -0.53 -14.89 -38.52
N GLU B 27 -1.77 -14.52 -38.85
CA GLU B 27 -2.32 -13.27 -38.31
C GLU B 27 -2.65 -13.50 -36.83
N VAL B 28 -2.38 -12.50 -36.00
CA VAL B 28 -2.70 -12.60 -34.58
C VAL B 28 -4.12 -12.07 -34.35
N LEU B 29 -5.06 -12.97 -34.07
CA LEU B 29 -6.46 -12.60 -33.98
C LEU B 29 -6.76 -11.95 -32.61
N LEU B 30 -7.36 -10.77 -32.64
CA LEU B 30 -7.58 -9.99 -31.41
C LEU B 30 -8.60 -10.62 -30.46
N ASP B 31 -9.70 -11.15 -30.98
CA ASP B 31 -10.72 -11.70 -30.07
C ASP B 31 -10.16 -12.87 -29.21
N PRO B 32 -9.48 -13.85 -29.84
CA PRO B 32 -8.86 -14.91 -29.04
C PRO B 32 -7.74 -14.37 -28.15
N TYR B 33 -7.01 -13.37 -28.63
CA TYR B 33 -5.92 -12.79 -27.83
C TYR B 33 -6.47 -12.17 -26.54
N ILE B 34 -7.58 -11.46 -26.65
CA ILE B 34 -8.27 -10.91 -25.50
C ILE B 34 -8.74 -12.03 -24.56
N ALA B 35 -9.36 -13.05 -25.14
CA ALA B 35 -9.82 -14.21 -24.37
C ALA B 35 -8.71 -14.86 -23.54
N SER B 36 -7.56 -15.08 -24.17
CA SER B 36 -6.43 -15.70 -23.49
C SER B 36 -5.93 -14.80 -22.36
N TRP B 37 -5.87 -13.50 -22.61
CA TRP B 37 -5.47 -12.54 -21.58
C TRP B 37 -6.43 -12.52 -20.40
N LYS B 38 -7.73 -12.58 -20.67
CA LYS B 38 -8.68 -12.75 -19.55
C LYS B 38 -8.36 -13.99 -18.68
N GLY B 39 -7.98 -15.08 -19.34
CA GLY B 39 -7.52 -16.26 -18.64
C GLY B 39 -6.30 -16.00 -17.77
N LEU B 40 -5.31 -15.28 -18.31
CA LEU B 40 -4.10 -14.99 -17.56
C LEU B 40 -4.44 -14.11 -16.35
N VAL B 41 -5.34 -13.16 -16.54
CA VAL B 41 -5.76 -12.25 -15.46
C VAL B 41 -6.38 -13.05 -14.31
N ARG B 42 -7.29 -13.94 -14.65
CA ARG B 42 -7.89 -14.84 -13.67
C ARG B 42 -6.81 -15.58 -12.87
N PHE B 43 -5.79 -16.08 -13.55
CA PHE B 43 -4.72 -16.78 -12.84
C PHE B 43 -3.97 -15.81 -11.92
N LEU B 44 -3.69 -14.61 -12.41
CA LEU B 44 -3.03 -13.60 -11.57
C LEU B 44 -3.84 -13.25 -10.33
N ASN B 45 -5.13 -12.93 -10.52
CA ASN B 45 -5.99 -12.58 -9.39
C ASN B 45 -5.90 -13.65 -8.30
N SER B 46 -5.62 -14.88 -8.72
CA SER B 46 -5.50 -15.97 -7.75
C SER B 46 -4.17 -15.96 -6.99
N LEU B 47 -3.25 -15.07 -7.37
CA LEU B 47 -1.93 -15.07 -6.72
C LEU B 47 -1.83 -14.17 -5.49
N GLY B 48 -2.73 -13.20 -5.38
CA GLY B 48 -2.73 -12.31 -4.23
C GLY B 48 -3.42 -11.00 -4.52
N THR B 49 -3.72 -10.27 -3.45
CA THR B 49 -4.44 -9.03 -3.58
C THR B 49 -3.64 -7.99 -4.35
N ILE B 50 -2.35 -7.89 -4.05
CA ILE B 50 -1.54 -6.86 -4.68
C ILE B 50 -1.50 -7.07 -6.19
N PHE B 51 -1.34 -8.32 -6.60
CA PHE B 51 -1.37 -8.66 -8.02
C PHE B 51 -2.72 -8.37 -8.67
N SER B 52 -3.80 -8.48 -7.90
CA SER B 52 -5.11 -8.18 -8.47
C SER B 52 -5.13 -6.71 -8.87
N PHE B 53 -4.24 -5.91 -8.27
CA PHE B 53 -4.18 -4.48 -8.58
C PHE B 53 -3.42 -4.20 -9.85
N ILE B 54 -2.26 -4.82 -10.02
CA ILE B 54 -1.51 -4.66 -11.28
C ILE B 54 -2.30 -5.23 -12.45
N SER B 55 -3.07 -6.29 -12.19
CA SER B 55 -3.90 -6.93 -13.19
C SER B 55 -5.00 -5.98 -13.69
N LYS B 56 -5.42 -5.07 -12.81
CA LYS B 56 -6.46 -4.11 -13.16
C LYS B 56 -6.08 -3.33 -14.40
N ASP B 57 -4.80 -3.03 -14.54
CA ASP B 57 -4.34 -2.29 -15.70
C ASP B 57 -4.53 -3.10 -16.96
N VAL B 58 -4.30 -4.41 -16.86
CA VAL B 58 -4.47 -5.28 -18.02
C VAL B 58 -5.93 -5.27 -18.42
N VAL B 59 -6.80 -5.43 -17.42
CA VAL B 59 -8.24 -5.44 -17.66
C VAL B 59 -8.71 -4.16 -18.36
N SER B 60 -8.24 -3.00 -17.89
CA SER B 60 -8.65 -1.75 -18.51
C SER B 60 -8.22 -1.71 -19.98
N LYS B 61 -7.06 -2.29 -20.28
CA LYS B 61 -6.53 -2.31 -21.64
C LYS B 61 -7.28 -3.30 -22.53
N LEU B 62 -7.74 -4.40 -21.94
CA LEU B 62 -8.63 -5.31 -22.68
C LEU B 62 -9.96 -4.62 -23.00
N ARG B 63 -10.47 -3.82 -22.07
CA ARG B 63 -11.71 -3.06 -22.31
C ARG B 63 -11.56 -2.09 -23.46
N ILE B 64 -10.41 -1.44 -23.54
CA ILE B 64 -10.12 -0.52 -24.64
C ILE B 64 -10.22 -1.26 -25.98
N MET B 65 -9.53 -2.39 -26.07
CA MET B 65 -9.55 -3.22 -27.27
C MET B 65 -10.96 -3.73 -27.60
N GLU B 66 -11.67 -4.22 -26.60
CA GLU B 66 -13.05 -4.63 -26.82
C GLU B 66 -13.93 -3.52 -27.40
N ARG B 67 -13.80 -2.31 -26.85
CA ARG B 67 -14.51 -1.16 -27.43
C ARG B 67 -14.17 -0.91 -28.91
N LEU B 68 -12.91 -0.99 -29.28
CA LEU B 68 -12.51 -0.83 -30.68
C LEU B 68 -13.12 -1.92 -31.56
N ARG B 69 -13.05 -3.14 -31.08
CA ARG B 69 -13.64 -4.31 -31.74
C ARG B 69 -15.17 -4.25 -31.81
N GLY B 70 -15.78 -3.42 -30.97
CA GLY B 70 -17.22 -3.29 -30.98
C GLY B 70 -17.74 -2.09 -31.75
N GLY B 71 -16.82 -1.31 -32.31
CA GLY B 71 -17.17 -0.05 -32.94
C GLY B 71 -17.42 -0.12 -34.44
N PRO B 72 -17.54 1.05 -35.08
CA PRO B 72 -17.84 1.17 -36.51
C PRO B 72 -16.73 0.57 -37.39
N GLN B 73 -15.50 0.53 -36.90
CA GLN B 73 -14.39 -0.04 -37.65
C GLN B 73 -13.97 -1.41 -37.11
N SER B 74 -14.91 -2.12 -36.51
CA SER B 74 -14.65 -3.40 -35.87
C SER B 74 -13.79 -4.36 -36.70
N GLU B 75 -14.08 -4.44 -38.00
CA GLU B 75 -13.38 -5.39 -38.86
C GLU B 75 -11.88 -5.07 -38.96
N HIS B 76 -11.52 -3.80 -38.78
CA HIS B 76 -10.11 -3.40 -38.80
C HIS B 76 -9.36 -3.83 -37.54
N TYR B 77 -10.07 -4.34 -36.55
CA TYR B 77 -9.43 -4.83 -35.33
C TYR B 77 -9.48 -6.35 -35.19
N ARG B 78 -9.92 -7.02 -36.24
CA ARG B 78 -9.99 -8.48 -36.24
C ARG B 78 -8.63 -9.11 -35.90
N SER B 79 -7.56 -8.51 -36.42
CA SER B 79 -6.22 -9.01 -36.15
C SER B 79 -5.30 -7.84 -35.83
N LEU B 80 -4.17 -8.13 -35.19
CA LEU B 80 -3.16 -7.10 -34.91
C LEU B 80 -2.63 -6.52 -36.20
N GLN B 81 -2.35 -7.38 -37.16
CA GLN B 81 -1.95 -6.94 -38.48
C GLN B 81 -2.93 -5.95 -39.10
N ALA B 82 -4.23 -6.22 -39.00
CA ALA B 82 -5.22 -5.33 -39.61
C ALA B 82 -5.27 -4.03 -38.82
N MET B 83 -5.17 -4.16 -37.50
CA MET B 83 -5.18 -3.01 -36.62
C MET B 83 -4.07 -2.03 -36.98
N VAL B 84 -2.85 -2.55 -37.08
CA VAL B 84 -1.65 -1.74 -37.40
C VAL B 84 -1.82 -0.98 -38.72
N ALA B 85 -2.23 -1.70 -39.76
CA ALA B 85 -2.49 -1.09 -41.06
C ALA B 85 -3.56 0.00 -40.98
N HIS B 86 -4.66 -0.29 -40.29
CA HIS B 86 -5.75 0.66 -40.20
C HIS B 86 -5.35 1.93 -39.45
N GLU B 87 -4.68 1.75 -38.32
CA GLU B 87 -4.34 2.90 -37.50
C GLU B 87 -3.24 3.76 -38.11
N LEU B 88 -2.23 3.12 -38.72
CA LEU B 88 -1.19 3.91 -39.37
C LEU B 88 -1.69 4.62 -40.61
N SER B 89 -2.51 3.94 -41.41
CA SER B 89 -2.91 4.46 -42.71
C SER B 89 -3.93 5.58 -42.52
N ASN B 90 -4.58 5.61 -41.36
CA ASN B 90 -5.48 6.68 -41.00
C ASN B 90 -4.87 7.59 -39.95
N ARG B 91 -3.58 7.40 -39.69
CA ARG B 91 -2.83 8.22 -38.75
C ARG B 91 -3.59 8.38 -37.45
N LEU B 92 -3.91 7.25 -36.81
CA LEU B 92 -4.61 7.21 -35.54
C LEU B 92 -3.67 6.78 -34.41
N VAL B 93 -2.35 6.93 -34.63
CA VAL B 93 -1.37 6.57 -33.60
C VAL B 93 -0.44 7.73 -33.24
N ASP B 94 -0.22 7.96 -31.95
CA ASP B 94 0.81 8.93 -31.55
C ASP B 94 2.19 8.31 -31.68
N LEU B 95 3.00 8.84 -32.59
CA LEU B 95 4.29 8.22 -32.90
C LEU B 95 5.44 8.76 -32.07
N GLU B 96 5.21 9.89 -31.40
CA GLU B 96 6.28 10.58 -30.69
C GLU B 96 5.90 10.92 -29.26
N ARG B 97 4.67 11.38 -29.08
CA ARG B 97 4.21 11.83 -27.76
C ARG B 97 2.76 11.45 -27.54
N ARG B 98 2.45 10.91 -26.35
CA ARG B 98 1.08 10.56 -26.04
C ARG B 98 0.03 11.65 -25.88
N SER B 99 -0.59 12.04 -27.02
CA SER B 99 -1.44 13.22 -27.03
C SER B 99 -2.76 13.11 -27.78
N HIS B 100 -2.69 12.97 -29.10
CA HIS B 100 -3.87 12.99 -29.95
C HIS B 100 -4.63 11.67 -29.96
N HIS B 101 -3.91 10.57 -29.77
CA HIS B 101 -4.51 9.24 -29.75
C HIS B 101 -3.92 8.42 -28.62
N PRO B 102 -4.25 8.80 -27.36
CA PRO B 102 -3.53 8.24 -26.21
C PRO B 102 -3.92 6.80 -25.96
N GLU B 103 -5.05 6.36 -26.50
CA GLU B 103 -5.54 5.01 -26.28
C GLU B 103 -5.77 4.24 -27.60
N SER B 104 -4.85 4.41 -28.53
CA SER B 104 -4.89 3.71 -29.82
C SER B 104 -4.74 2.21 -29.60
N GLY B 105 -5.34 1.41 -30.47
CA GLY B 105 -5.13 -0.03 -30.38
C GLY B 105 -3.64 -0.36 -30.43
N CYS B 106 -2.88 0.34 -31.25
CA CYS B 106 -1.46 0.01 -31.37
C CYS B 106 -0.71 0.16 -30.06
N ARG B 107 -0.86 1.30 -29.39
CA ARG B 107 -0.11 1.51 -28.13
C ARG B 107 -0.65 0.66 -26.97
N THR B 108 -1.94 0.36 -27.01
CA THR B 108 -2.60 -0.41 -25.97
C THR B 108 -2.17 -1.88 -26.02
N VAL B 109 -2.19 -2.44 -27.22
CA VAL B 109 -1.69 -3.79 -27.45
C VAL B 109 -0.20 -3.91 -27.17
N LEU B 110 0.58 -2.87 -27.50
CA LEU B 110 2.02 -2.92 -27.20
C LEU B 110 2.29 -3.20 -25.72
N ARG B 111 1.49 -2.61 -24.84
CA ARG B 111 1.66 -2.84 -23.40
C ARG B 111 1.28 -4.26 -22.97
N LEU B 112 0.21 -4.79 -23.56
CA LEU B 112 -0.14 -6.20 -23.34
C LEU B 112 0.99 -7.10 -23.84
N HIS B 113 1.54 -6.76 -25.00
CA HIS B 113 2.62 -7.53 -25.62
C HIS B 113 3.90 -7.53 -24.77
N ARG B 114 4.27 -6.37 -24.23
CA ARG B 114 5.39 -6.28 -23.29
C ARG B 114 5.16 -7.15 -22.03
N ALA B 115 3.93 -7.17 -21.54
CA ALA B 115 3.57 -7.93 -20.36
C ALA B 115 3.62 -9.44 -20.65
N LEU B 116 3.20 -9.80 -21.86
CA LEU B 116 3.24 -11.18 -22.29
C LEU B 116 4.68 -11.68 -22.25
N HIS B 117 5.61 -10.82 -22.68
CA HIS B 117 7.03 -11.17 -22.66
C HIS B 117 7.49 -11.52 -21.24
N TRP B 118 7.09 -10.69 -20.28
CA TRP B 118 7.46 -10.92 -18.89
C TRP B 118 6.86 -12.24 -18.40
N LEU B 119 5.57 -12.43 -18.64
CA LEU B 119 4.89 -13.66 -18.23
C LEU B 119 5.62 -14.89 -18.76
N GLN B 120 5.92 -14.86 -20.05
CA GLN B 120 6.60 -15.97 -20.70
C GLN B 120 8.00 -16.25 -20.12
N LEU B 121 8.81 -15.21 -19.94
CA LEU B 121 10.11 -15.38 -19.31
C LEU B 121 9.97 -15.92 -17.89
N PHE B 122 9.02 -15.38 -17.15
CA PHE B 122 8.76 -15.86 -15.78
C PHE B 122 8.39 -17.34 -15.73
N LEU B 123 7.48 -17.77 -16.60
CA LEU B 123 7.03 -19.17 -16.57
C LEU B 123 8.15 -20.10 -17.04
N GLU B 124 8.97 -19.61 -17.96
CA GLU B 124 10.11 -20.40 -18.44
C GLU B 124 11.16 -20.53 -17.35
N GLY B 125 11.35 -19.49 -16.55
CA GLY B 125 12.31 -19.53 -15.46
C GLY B 125 11.86 -20.47 -14.38
N LEU B 126 10.57 -20.38 -14.05
CA LEU B 126 9.93 -21.30 -13.14
C LEU B 126 10.09 -22.75 -13.62
N ARG B 127 9.87 -22.96 -14.91
CA ARG B 127 9.91 -24.31 -15.46
C ARG B 127 11.29 -24.97 -15.24
N THR B 128 12.35 -24.17 -15.36
CA THR B 128 13.69 -24.71 -15.34
C THR B 128 14.44 -24.44 -14.04
N SER B 129 13.74 -23.91 -13.05
CA SER B 129 14.38 -23.49 -11.80
C SER B 129 14.66 -24.67 -10.84
N PRO B 130 15.67 -24.51 -9.98
CA PRO B 130 15.91 -25.46 -8.88
C PRO B 130 14.68 -25.50 -8.00
N GLU B 131 14.49 -26.61 -7.28
CA GLU B 131 13.32 -26.73 -6.43
C GLU B 131 13.39 -25.80 -5.22
N ASP B 132 14.55 -25.18 -4.99
CA ASP B 132 14.69 -24.27 -3.87
C ASP B 132 14.60 -22.79 -4.27
N ALA B 133 14.48 -22.52 -5.57
CA ALA B 133 14.43 -21.16 -6.08
C ALA B 133 13.31 -20.35 -5.42
N ARG B 134 13.58 -19.06 -5.19
CA ARG B 134 12.57 -18.17 -4.64
C ARG B 134 11.69 -17.61 -5.75
N THR B 135 10.37 -17.77 -5.61
CA THR B 135 9.43 -17.30 -6.61
C THR B 135 9.58 -15.79 -6.83
N SER B 136 9.87 -15.07 -5.76
CA SER B 136 10.08 -13.63 -5.86
C SER B 136 11.31 -13.31 -6.71
N ALA B 137 12.32 -14.17 -6.63
CA ALA B 137 13.54 -13.97 -7.40
C ALA B 137 13.29 -14.23 -8.89
N LEU B 138 12.53 -15.28 -9.17
CA LEU B 138 12.22 -15.62 -10.55
C LEU B 138 11.42 -14.50 -11.20
N CYS B 139 10.47 -13.97 -10.43
CA CYS B 139 9.61 -12.91 -10.94
C CYS B 139 10.38 -11.62 -11.16
N ALA B 140 11.32 -11.31 -10.26
CA ALA B 140 12.07 -10.06 -10.32
C ALA B 140 13.14 -10.11 -11.40
N ASP B 141 13.74 -11.28 -11.55
CA ASP B 141 14.73 -11.46 -12.60
C ASP B 141 14.08 -11.39 -13.98
N SER B 142 12.90 -11.98 -14.13
CA SER B 142 12.23 -11.94 -15.43
C SER B 142 11.70 -10.54 -15.73
N TYR B 143 11.33 -9.83 -14.67
CA TYR B 143 10.86 -8.45 -14.80
C TYR B 143 12.00 -7.56 -15.32
N ASN B 144 13.19 -7.73 -14.77
CA ASN B 144 14.32 -6.90 -15.18
C ASN B 144 14.81 -7.25 -16.57
N ALA B 145 14.57 -8.49 -16.99
CA ALA B 145 14.95 -8.94 -18.31
C ALA B 145 13.99 -8.27 -19.31
N SER B 146 12.74 -8.09 -18.90
CA SER B 146 11.74 -7.53 -19.82
C SER B 146 11.06 -6.18 -19.49
N LEU B 147 9.89 -6.25 -18.87
CA LEU B 147 9.00 -5.10 -18.74
C LEU B 147 9.57 -3.94 -17.93
N ALA B 148 10.37 -4.25 -16.92
CA ALA B 148 10.99 -3.22 -16.08
C ALA B 148 11.62 -2.11 -16.92
N ALA B 149 12.15 -2.49 -18.08
CA ALA B 149 12.83 -1.54 -18.94
C ALA B 149 11.90 -0.42 -19.43
N TYR B 150 10.59 -0.67 -19.42
CA TYR B 150 9.63 0.30 -19.96
C TYR B 150 8.84 0.98 -18.85
N HIS B 151 9.14 0.65 -17.61
CA HIS B 151 8.43 1.21 -16.46
C HIS B 151 9.32 2.27 -15.82
N PRO B 152 8.73 3.40 -15.44
CA PRO B 152 9.51 4.40 -14.68
C PRO B 152 9.76 3.88 -13.26
N TRP B 153 10.72 4.47 -12.56
CA TRP B 153 11.08 4.03 -11.21
C TRP B 153 9.90 3.79 -10.27
N VAL B 154 9.01 4.77 -10.13
CA VAL B 154 7.97 4.66 -9.12
C VAL B 154 7.00 3.53 -9.43
N VAL B 155 6.77 3.27 -10.72
CA VAL B 155 5.97 2.13 -11.14
C VAL B 155 6.71 0.82 -10.84
N ARG B 156 7.99 0.75 -11.21
CA ARG B 156 8.81 -0.42 -10.90
C ARG B 156 8.76 -0.72 -9.41
N ARG B 157 8.78 0.34 -8.59
CA ARG B 157 8.76 0.11 -7.15
C ARG B 157 7.42 -0.48 -6.72
N ALA B 158 6.33 0.04 -7.28
CA ALA B 158 5.01 -0.45 -6.93
C ALA B 158 4.85 -1.90 -7.38
N VAL B 159 5.25 -2.18 -8.61
CA VAL B 159 5.17 -3.54 -9.16
C VAL B 159 5.93 -4.54 -8.28
N THR B 160 7.15 -4.16 -7.91
CA THR B 160 8.03 -5.01 -7.11
C THR B 160 7.46 -5.38 -5.74
N VAL B 161 6.65 -4.49 -5.16
CA VAL B 161 6.00 -4.81 -3.91
C VAL B 161 5.20 -6.10 -4.02
N ALA B 162 4.62 -6.34 -5.19
CA ALA B 162 3.82 -7.55 -5.41
C ALA B 162 4.58 -8.87 -5.28
N PHE B 163 5.91 -8.85 -5.42
CA PHE B 163 6.69 -10.10 -5.40
C PHE B 163 6.92 -10.65 -4.00
N CYS B 164 6.99 -9.77 -3.01
CA CYS B 164 7.16 -10.19 -1.62
C CYS B 164 5.95 -11.00 -1.19
N THR B 165 4.92 -10.94 -2.02
CA THR B 165 3.64 -11.56 -1.69
C THR B 165 3.47 -12.88 -2.45
N LEU B 166 4.58 -13.40 -2.98
CA LEU B 166 4.55 -14.62 -3.79
C LEU B 166 4.92 -15.86 -3.00
N PRO B 167 4.06 -16.89 -3.05
CA PRO B 167 4.24 -18.15 -2.32
C PRO B 167 5.54 -18.84 -2.70
N THR B 168 5.77 -20.02 -2.13
CA THR B 168 6.92 -20.81 -2.52
C THR B 168 6.74 -21.31 -3.95
N ARG B 169 7.82 -21.76 -4.57
CA ARG B 169 7.79 -22.33 -5.90
C ARG B 169 6.76 -23.47 -5.94
N GLU B 170 6.86 -24.38 -4.98
CA GLU B 170 5.93 -25.50 -4.87
C GLU B 170 4.47 -25.05 -4.91
N VAL B 171 4.14 -24.04 -4.10
CA VAL B 171 2.77 -23.56 -4.01
C VAL B 171 2.32 -22.88 -5.30
N PHE B 172 3.21 -22.11 -5.91
CA PHE B 172 2.91 -21.44 -7.17
C PHE B 172 2.57 -22.47 -8.24
N LEU B 173 3.36 -23.54 -8.31
CA LEU B 173 3.10 -24.62 -9.27
C LEU B 173 1.75 -25.28 -9.01
N GLU B 174 1.48 -25.57 -7.74
CA GLU B 174 0.20 -26.16 -7.37
C GLU B 174 -1.00 -25.26 -7.69
N ALA B 175 -0.80 -23.95 -7.62
CA ALA B 175 -1.85 -23.00 -7.98
C ALA B 175 -2.26 -23.13 -9.46
N MET B 176 -1.43 -23.79 -10.27
CA MET B 176 -1.75 -23.94 -11.68
C MET B 176 -2.86 -24.94 -11.90
N ASN B 177 -3.12 -25.74 -10.86
CA ASN B 177 -4.23 -26.69 -10.86
C ASN B 177 -4.13 -27.76 -11.93
N VAL B 178 -2.93 -28.28 -12.15
CA VAL B 178 -2.73 -29.34 -13.13
C VAL B 178 -1.99 -30.53 -12.51
N GLY B 179 -2.08 -30.65 -11.19
CA GLY B 179 -1.48 -31.76 -10.48
C GLY B 179 -0.36 -31.29 -9.57
N PRO B 180 0.49 -32.24 -9.14
CA PRO B 180 1.65 -31.94 -8.28
C PRO B 180 2.67 -31.13 -9.07
N PRO B 181 3.64 -30.50 -8.37
CA PRO B 181 4.67 -29.66 -8.98
C PRO B 181 5.37 -30.27 -10.20
N GLU B 182 5.66 -31.57 -10.15
CA GLU B 182 6.35 -32.22 -11.25
C GLU B 182 5.51 -32.19 -12.52
N GLN B 183 4.20 -32.38 -12.36
CA GLN B 183 3.28 -32.30 -13.49
C GLN B 183 3.18 -30.88 -14.01
N ALA B 184 3.18 -29.91 -13.11
CA ALA B 184 3.07 -28.52 -13.48
C ALA B 184 4.22 -28.13 -14.39
N VAL B 185 5.42 -28.58 -14.04
CA VAL B 185 6.61 -28.29 -14.83
C VAL B 185 6.53 -28.94 -16.22
N GLN B 186 6.02 -30.17 -16.25
CA GLN B 186 5.80 -30.87 -17.50
CA GLN B 186 5.80 -30.88 -17.50
C GLN B 186 4.83 -30.07 -18.36
N MET B 187 3.76 -29.61 -17.73
CA MET B 187 2.74 -28.82 -18.42
C MET B 187 3.33 -27.58 -19.06
N LEU B 188 4.23 -26.89 -18.37
CA LEU B 188 4.83 -25.68 -18.91
C LEU B 188 5.66 -25.99 -20.16
N GLY B 189 6.40 -27.09 -20.13
CA GLY B 189 7.15 -27.50 -21.31
C GLY B 189 6.26 -27.73 -22.52
N GLU B 190 5.09 -28.34 -22.29
CA GLU B 190 4.16 -28.62 -23.38
C GLU B 190 3.43 -27.36 -23.90
N ALA B 191 3.12 -26.43 -23.00
CA ALA B 191 2.16 -25.37 -23.31
C ALA B 191 2.78 -24.03 -23.70
N LEU B 192 3.95 -23.71 -23.13
CA LEU B 192 4.62 -22.44 -23.39
C LEU B 192 4.89 -22.14 -24.88
N PRO B 193 5.15 -23.18 -25.70
CA PRO B 193 5.44 -22.88 -27.10
C PRO B 193 4.34 -22.08 -27.80
N PHE B 194 3.09 -22.25 -27.38
CA PHE B 194 2.00 -21.54 -28.00
C PHE B 194 2.04 -20.04 -27.73
N ILE B 195 2.42 -19.66 -26.52
CA ILE B 195 2.47 -18.25 -26.17
C ILE B 195 3.73 -17.63 -26.78
N GLN B 196 4.78 -18.44 -26.90
CA GLN B 196 6.02 -17.99 -27.50
C GLN B 196 5.83 -17.65 -28.98
N ARG B 197 5.07 -18.47 -29.68
CA ARG B 197 4.84 -18.20 -31.08
C ARG B 197 4.06 -16.88 -31.28
N VAL B 198 3.01 -16.69 -30.51
CA VAL B 198 2.24 -15.42 -30.54
C VAL B 198 3.12 -14.22 -30.20
N TYR B 199 3.98 -14.38 -29.20
CA TYR B 199 4.90 -13.31 -28.84
C TYR B 199 5.80 -12.98 -30.03
N ASN B 200 6.42 -14.00 -30.60
CA ASN B 200 7.35 -13.80 -31.71
C ASN B 200 6.72 -13.11 -32.92
N VAL B 201 5.51 -13.54 -33.29
CA VAL B 201 4.83 -12.96 -34.43
C VAL B 201 4.47 -11.51 -34.10
N SER B 202 3.93 -11.30 -32.91
CA SER B 202 3.53 -9.94 -32.53
C SER B 202 4.75 -9.00 -32.48
N GLN B 203 5.86 -9.50 -31.95
CA GLN B 203 7.09 -8.72 -31.82
C GLN B 203 7.62 -8.28 -33.19
N LYS B 204 7.65 -9.22 -34.13
CA LYS B 204 8.09 -8.94 -35.49
C LYS B 204 7.20 -7.90 -36.16
N LEU B 205 5.89 -8.02 -35.97
CA LEU B 205 4.94 -7.07 -36.52
C LEU B 205 5.28 -5.65 -36.07
N TYR B 206 5.42 -5.48 -34.76
CA TYR B 206 5.76 -4.18 -34.18
C TYR B 206 7.16 -3.70 -34.58
N ALA B 207 8.14 -4.60 -34.58
CA ALA B 207 9.49 -4.22 -34.96
C ALA B 207 9.55 -3.74 -36.41
N GLU B 208 8.88 -4.47 -37.29
CA GLU B 208 8.95 -4.17 -38.71
C GLU B 208 8.32 -2.81 -39.05
N HIS B 209 7.36 -2.39 -38.24
CA HIS B 209 6.70 -1.10 -38.42
C HIS B 209 7.32 -0.01 -37.52
N SER B 210 8.48 -0.31 -36.92
CA SER B 210 9.14 0.61 -35.99
C SER B 210 8.17 1.14 -34.92
N LEU B 211 7.39 0.25 -34.32
CA LEU B 211 6.38 0.64 -33.35
C LEU B 211 6.74 0.20 -31.91
N LEU B 212 7.95 -0.29 -31.72
CA LEU B 212 8.31 -0.87 -30.44
C LEU B 212 8.38 0.17 -29.32
N ASP B 213 8.39 1.45 -29.67
CA ASP B 213 8.51 2.50 -28.67
C ASP B 213 7.33 3.48 -28.62
N LEU B 214 6.16 3.04 -29.05
CA LEU B 214 4.98 3.89 -28.98
C LEU B 214 4.76 4.40 -27.57
N PRO B 215 4.53 5.71 -27.43
CA PRO B 215 4.22 6.35 -26.15
C PRO B 215 2.80 6.04 -25.67
N GLY C 8 25.13 13.92 11.31
CA GLY C 8 24.82 14.24 12.70
C GLY C 8 23.97 13.18 13.37
N PHE C 9 22.79 12.92 12.80
CA PHE C 9 21.90 11.87 13.30
C PHE C 9 22.17 10.55 12.59
N ASN C 10 22.10 9.44 13.32
CA ASN C 10 22.34 8.15 12.73
C ASN C 10 21.85 7.07 13.68
N LEU C 11 21.76 5.83 13.20
CA LEU C 11 21.14 4.79 14.03
C LEU C 11 21.92 4.48 15.31
N LYS C 12 23.23 4.73 15.30
CA LYS C 12 24.04 4.47 16.50
C LYS C 12 23.61 5.37 17.66
N VAL C 13 23.33 6.62 17.36
CA VAL C 13 22.79 7.54 18.37
C VAL C 13 21.53 6.99 19.01
N VAL C 14 20.64 6.43 18.20
CA VAL C 14 19.45 5.80 18.73
C VAL C 14 19.78 4.63 19.66
N LEU C 15 20.66 3.74 19.21
CA LEU C 15 20.89 2.52 19.97
C LEU C 15 21.62 2.81 21.30
N VAL C 16 22.45 3.86 21.32
CA VAL C 16 23.12 4.29 22.55
C VAL C 16 22.09 4.85 23.52
N SER C 17 21.14 5.61 22.99
CA SER C 17 20.05 6.12 23.80
C SER C 17 19.38 4.99 24.57
N PHE C 18 19.17 3.85 23.91
CA PHE C 18 18.52 2.71 24.58
C PHE C 18 19.37 2.18 25.71
N LYS C 19 20.66 2.07 25.45
CA LYS C 19 21.62 1.64 26.46
C LYS C 19 21.44 2.47 27.74
N GLN C 20 21.36 3.78 27.54
CA GLN C 20 21.33 4.73 28.65
CA GLN C 20 21.31 4.77 28.62
C GLN C 20 20.04 4.71 29.48
N CYS C 21 19.12 3.83 29.15
CA CYS C 21 17.93 3.68 29.97
C CYS C 21 18.24 2.94 31.30
N LEU C 22 19.32 2.15 31.31
CA LEU C 22 19.57 1.23 32.42
C LEU C 22 20.42 1.91 33.49
N ASP C 23 19.88 2.06 34.69
CA ASP C 23 20.65 2.72 35.75
C ASP C 23 21.31 1.73 36.69
N GLU C 24 21.98 2.26 37.72
CA GLU C 24 22.80 1.42 38.57
C GLU C 24 21.99 0.47 39.44
N LYS C 25 20.68 0.66 39.52
CA LYS C 25 19.82 -0.26 40.27
C LYS C 25 19.14 -1.25 39.32
N GLU C 26 19.63 -1.31 38.09
CA GLU C 26 18.99 -2.06 37.01
C GLU C 26 17.53 -1.66 36.84
N GLU C 27 17.25 -0.40 37.06
CA GLU C 27 15.95 0.16 36.71
C GLU C 27 16.00 0.75 35.30
N VAL C 28 14.85 0.79 34.66
CA VAL C 28 14.75 1.33 33.30
C VAL C 28 14.12 2.70 33.36
N LEU C 29 14.91 3.73 33.06
CA LEU C 29 14.43 5.11 33.16
C LEU C 29 13.57 5.48 31.98
N LEU C 30 12.43 6.14 32.24
CA LEU C 30 11.46 6.44 31.20
C LEU C 30 11.90 7.55 30.25
N ASP C 31 12.50 8.62 30.78
CA ASP C 31 12.94 9.73 29.91
C ASP C 31 13.83 9.26 28.74
N PRO C 32 14.94 8.56 29.03
CA PRO C 32 15.77 8.05 27.93
C PRO C 32 15.04 7.02 27.05
N TYR C 33 14.10 6.29 27.65
CA TYR C 33 13.35 5.29 26.91
C TYR C 33 12.51 5.97 25.84
N ILE C 34 11.74 6.96 26.25
CA ILE C 34 10.96 7.75 25.31
C ILE C 34 11.89 8.35 24.25
N ALA C 35 13.01 8.91 24.66
CA ALA C 35 13.91 9.56 23.70
C ALA C 35 14.41 8.57 22.67
N SER C 36 14.64 7.32 23.10
CA SER C 36 15.13 6.30 22.18
C SER C 36 14.10 5.99 21.13
N TRP C 37 12.87 5.78 21.55
CA TRP C 37 11.80 5.50 20.61
C TRP C 37 11.61 6.66 19.64
N LYS C 38 11.74 7.88 20.14
CA LYS C 38 11.64 9.06 19.26
C LYS C 38 12.67 9.02 18.16
N GLY C 39 13.89 8.65 18.54
CA GLY C 39 14.97 8.50 17.58
C GLY C 39 14.66 7.36 16.62
N LEU C 40 14.16 6.25 17.15
CA LEU C 40 13.86 5.12 16.30
C LEU C 40 12.83 5.54 15.25
N VAL C 41 11.81 6.27 15.69
CA VAL C 41 10.78 6.71 14.76
C VAL C 41 11.38 7.60 13.67
N ARG C 42 12.23 8.54 14.07
CA ARG C 42 12.94 9.37 13.08
C ARG C 42 13.69 8.51 12.06
N PHE C 43 14.42 7.51 12.55
CA PHE C 43 15.20 6.66 11.66
C PHE C 43 14.30 5.91 10.69
N LEU C 44 13.26 5.28 11.22
CA LEU C 44 12.31 4.53 10.40
C LEU C 44 11.71 5.42 9.33
N ASN C 45 11.28 6.62 9.75
CA ASN C 45 10.68 7.58 8.84
C ASN C 45 11.63 7.97 7.72
N SER C 46 12.91 8.07 8.03
CA SER C 46 13.91 8.46 7.03
C SER C 46 14.07 7.44 5.92
N LEU C 47 13.48 6.25 6.09
CA LEU C 47 13.63 5.22 5.08
C LEU C 47 12.69 5.46 3.89
N GLY C 48 11.69 6.32 4.08
CA GLY C 48 10.77 6.64 3.01
C GLY C 48 9.95 5.44 2.58
N THR C 49 9.17 4.91 3.52
CA THR C 49 8.34 3.74 3.26
C THR C 49 6.93 3.88 3.86
N ILE C 50 6.10 2.88 3.57
CA ILE C 50 4.74 2.77 4.11
C ILE C 50 4.76 2.50 5.63
N PHE C 51 5.94 2.25 6.19
CA PHE C 51 6.06 1.89 7.61
C PHE C 51 5.70 3.03 8.54
N SER C 52 5.58 4.23 7.98
CA SER C 52 5.15 5.40 8.73
C SER C 52 3.85 5.11 9.45
N PHE C 53 2.96 4.37 8.81
CA PHE C 53 1.65 4.11 9.41
C PHE C 53 1.76 3.25 10.68
N ILE C 54 2.82 2.45 10.76
CA ILE C 54 3.12 1.67 11.96
C ILE C 54 3.76 2.56 13.02
N SER C 55 4.79 3.30 12.62
CA SER C 55 5.48 4.18 13.54
C SER C 55 4.57 5.25 14.16
N LYS C 56 3.48 5.58 13.48
CA LYS C 56 2.53 6.55 14.05
C LYS C 56 1.93 6.03 15.35
N ASP C 57 1.76 4.70 15.45
CA ASP C 57 1.24 4.11 16.67
C ASP C 57 2.24 4.24 17.81
N VAL C 58 3.52 4.14 17.49
CA VAL C 58 4.55 4.33 18.49
C VAL C 58 4.49 5.75 19.03
N VAL C 59 4.37 6.72 18.13
CA VAL C 59 4.33 8.13 18.55
C VAL C 59 3.17 8.46 19.50
N SER C 60 1.98 7.90 19.23
CA SER C 60 0.85 8.15 20.11
C SER C 60 1.05 7.52 21.49
N LYS C 61 1.70 6.36 21.54
CA LYS C 61 2.02 5.77 22.83
C LYS C 61 3.08 6.59 23.57
N LEU C 62 4.00 7.19 22.82
CA LEU C 62 4.97 8.10 23.42
C LEU C 62 4.28 9.31 24.02
N ARG C 63 3.27 9.84 23.31
CA ARG C 63 2.53 10.99 23.80
C ARG C 63 1.84 10.65 25.13
N ILE C 64 1.32 9.42 25.22
CA ILE C 64 0.66 8.98 26.44
C ILE C 64 1.64 8.99 27.60
N MET C 65 2.84 8.45 27.38
CA MET C 65 3.83 8.39 28.44
C MET C 65 4.39 9.77 28.81
N GLU C 66 4.58 10.61 27.80
CA GLU C 66 5.02 11.98 28.03
C GLU C 66 4.01 12.72 28.90
N ARG C 67 2.72 12.51 28.64
CA ARG C 67 1.68 13.13 29.46
C ARG C 67 1.72 12.67 30.92
N LEU C 68 1.94 11.37 31.14
CA LEU C 68 2.01 10.84 32.50
C LEU C 68 3.28 11.33 33.19
N ARG C 69 4.38 11.36 32.44
CA ARG C 69 5.66 11.79 32.97
C ARG C 69 5.70 13.30 33.24
N GLY C 70 4.79 14.04 32.60
CA GLY C 70 4.72 15.47 32.80
C GLY C 70 3.60 15.92 33.72
N GLY C 71 2.91 14.95 34.32
CA GLY C 71 1.74 15.22 35.14
C GLY C 71 2.00 15.35 36.64
N PRO C 72 0.91 15.36 37.43
CA PRO C 72 0.98 15.54 38.88
C PRO C 72 1.76 14.41 39.54
N GLN C 73 1.81 13.25 38.88
CA GLN C 73 2.47 12.07 39.42
C GLN C 73 3.80 11.77 38.71
N SER C 74 4.39 12.78 38.10
CA SER C 74 5.60 12.62 37.29
C SER C 74 6.66 11.75 37.95
N GLU C 75 6.90 11.97 39.24
CA GLU C 75 7.97 11.27 39.94
C GLU C 75 7.78 9.74 39.94
N HIS C 76 6.53 9.29 39.95
CA HIS C 76 6.25 7.86 39.91
C HIS C 76 6.46 7.24 38.54
N TYR C 77 6.77 8.07 37.55
CA TYR C 77 7.02 7.59 36.18
C TYR C 77 8.47 7.77 35.76
N ARG C 78 9.36 8.06 36.72
CA ARG C 78 10.77 8.21 36.41
C ARG C 78 11.38 6.92 35.86
N SER C 79 10.90 5.79 36.35
CA SER C 79 11.41 4.48 35.92
C SER C 79 10.22 3.55 35.69
N LEU C 80 10.42 2.49 34.92
CA LEU C 80 9.36 1.50 34.71
C LEU C 80 9.01 0.82 36.02
N GLN C 81 10.02 0.63 36.86
CA GLN C 81 9.78 -0.04 38.13
C GLN C 81 8.92 0.85 39.05
N ALA C 82 9.18 2.14 39.02
CA ALA C 82 8.41 3.08 39.84
C ALA C 82 6.98 3.17 39.30
N MET C 83 6.85 3.18 37.99
CA MET C 83 5.54 3.18 37.35
C MET C 83 4.68 1.97 37.76
N VAL C 84 5.24 0.78 37.66
CA VAL C 84 4.52 -0.45 38.00
C VAL C 84 4.06 -0.46 39.48
N ALA C 85 4.97 -0.11 40.38
CA ALA C 85 4.62 -0.05 41.81
C ALA C 85 3.50 0.96 42.03
N HIS C 86 3.67 2.15 41.45
CA HIS C 86 2.67 3.19 41.57
C HIS C 86 1.30 2.80 41.00
N GLU C 87 1.28 2.31 39.76
CA GLU C 87 0.00 1.98 39.15
C GLU C 87 -0.68 0.76 39.77
N LEU C 88 0.09 -0.24 40.17
CA LEU C 88 -0.50 -1.39 40.87
C LEU C 88 -1.06 -0.99 42.24
N SER C 89 -0.27 -0.25 43.01
CA SER C 89 -0.67 0.09 44.37
C SER C 89 -1.83 1.08 44.41
N ASN C 90 -2.06 1.80 43.32
CA ASN C 90 -3.19 2.74 43.22
C ASN C 90 -4.31 2.28 42.30
N ARG C 91 -4.25 1.02 41.86
CA ARG C 91 -5.26 0.45 40.98
C ARG C 91 -5.48 1.28 39.73
N LEU C 92 -4.39 1.65 39.07
CA LEU C 92 -4.46 2.44 37.85
C LEU C 92 -4.17 1.58 36.61
N VAL C 93 -4.04 0.28 36.80
CA VAL C 93 -3.87 -0.67 35.70
C VAL C 93 -5.07 -1.59 35.58
N ASP C 94 -5.59 -1.76 34.37
CA ASP C 94 -6.61 -2.77 34.14
C ASP C 94 -5.93 -4.11 33.90
N LEU C 95 -6.11 -5.02 34.85
CA LEU C 95 -5.38 -6.27 34.83
C LEU C 95 -6.06 -7.32 33.96
N GLU C 96 -7.38 -7.30 33.91
CA GLU C 96 -8.12 -8.38 33.26
C GLU C 96 -8.83 -7.89 32.00
N ARG C 97 -9.49 -6.74 32.09
CA ARG C 97 -10.23 -6.22 30.95
C ARG C 97 -10.14 -4.70 30.96
N ARG C 98 -9.91 -4.10 29.80
CA ARG C 98 -9.83 -2.65 29.75
C ARG C 98 -11.09 -1.86 30.02
N SER C 99 -11.09 -1.15 31.14
CA SER C 99 -12.23 -0.33 31.50
C SER C 99 -11.98 1.10 31.88
N HIS C 100 -11.58 1.32 33.13
CA HIS C 100 -11.33 2.66 33.62
C HIS C 100 -9.94 3.20 33.28
N HIS C 101 -9.03 2.31 32.89
CA HIS C 101 -7.65 2.71 32.61
C HIS C 101 -7.08 2.10 31.34
N PRO C 102 -7.72 2.40 30.20
CA PRO C 102 -7.38 1.85 28.89
C PRO C 102 -6.00 2.32 28.41
N GLU C 103 -5.49 3.40 28.99
CA GLU C 103 -4.20 3.91 28.56
C GLU C 103 -3.21 4.08 29.72
N SER C 104 -3.23 3.13 30.66
CA SER C 104 -2.29 3.14 31.77
C SER C 104 -0.85 3.13 31.26
N GLY C 105 0.07 3.68 32.04
CA GLY C 105 1.49 3.58 31.70
C GLY C 105 1.90 2.11 31.55
N CYS C 106 1.42 1.23 32.43
CA CYS C 106 1.78 -0.19 32.32
C CYS C 106 1.39 -0.80 30.98
N ARG C 107 0.14 -0.67 30.56
CA ARG C 107 -0.28 -1.33 29.32
C ARG C 107 0.35 -0.68 28.08
N THR C 108 0.61 0.61 28.19
CA THR C 108 1.19 1.37 27.09
C THR C 108 2.65 1.01 26.89
N VAL C 109 3.41 1.03 27.99
CA VAL C 109 4.80 0.63 27.93
C VAL C 109 4.94 -0.81 27.43
N LEU C 110 4.00 -1.67 27.83
CA LEU C 110 4.02 -3.07 27.38
C LEU C 110 4.03 -3.18 25.85
N ARG C 111 3.27 -2.31 25.19
CA ARG C 111 3.28 -2.31 23.72
C ARG C 111 4.63 -1.90 23.15
N LEU C 112 5.25 -0.91 23.77
CA LEU C 112 6.60 -0.52 23.34
C LEU C 112 7.61 -1.66 23.59
N HIS C 113 7.49 -2.32 24.73
CA HIS C 113 8.39 -3.43 25.09
C HIS C 113 8.31 -4.58 24.08
N ARG C 114 7.08 -4.97 23.75
CA ARG C 114 6.87 -5.97 22.71
C ARG C 114 7.50 -5.55 21.38
N ALA C 115 7.37 -4.27 21.03
CA ALA C 115 7.98 -3.73 19.83
C ALA C 115 9.49 -3.84 19.87
N LEU C 116 10.06 -3.59 21.05
CA LEU C 116 11.50 -3.64 21.24
C LEU C 116 12.02 -5.06 21.05
N HIS C 117 11.20 -6.03 21.38
CA HIS C 117 11.58 -7.42 21.12
C HIS C 117 11.76 -7.63 19.62
N TRP C 118 10.77 -7.21 18.85
CA TRP C 118 10.82 -7.31 17.39
C TRP C 118 12.04 -6.54 16.87
N LEU C 119 12.21 -5.30 17.32
CA LEU C 119 13.34 -4.48 16.90
C LEU C 119 14.69 -5.17 17.08
N GLN C 120 14.91 -5.76 18.26
CA GLN C 120 16.17 -6.45 18.53
C GLN C 120 16.39 -7.64 17.61
N LEU C 121 15.35 -8.44 17.43
CA LEU C 121 15.47 -9.64 16.61
C LEU C 121 15.74 -9.23 15.17
N PHE C 122 15.05 -8.19 14.73
CA PHE C 122 15.21 -7.76 13.36
C PHE C 122 16.62 -7.23 13.12
N LEU C 123 17.13 -6.43 14.04
CA LEU C 123 18.48 -5.88 13.87
C LEU C 123 19.54 -6.98 14.00
N GLU C 124 19.28 -7.98 14.84
CA GLU C 124 20.21 -9.09 14.98
C GLU C 124 20.23 -9.92 13.70
N GLY C 125 19.05 -10.12 13.12
CA GLY C 125 18.91 -10.86 11.88
C GLY C 125 19.63 -10.17 10.73
N LEU C 126 19.48 -8.85 10.68
CA LEU C 126 20.17 -8.04 9.68
C LEU C 126 21.68 -8.12 9.90
N ARG C 127 22.11 -7.93 11.14
CA ARG C 127 23.51 -7.98 11.51
C ARG C 127 24.17 -9.27 11.04
N THR C 128 23.45 -10.38 11.16
CA THR C 128 24.00 -11.72 10.84
C THR C 128 23.45 -12.31 9.54
N SER C 129 22.92 -11.47 8.66
CA SER C 129 22.35 -11.97 7.43
C SER C 129 23.42 -12.15 6.36
N PRO C 130 23.21 -13.12 5.45
CA PRO C 130 24.01 -13.22 4.23
C PRO C 130 23.74 -12.04 3.31
N GLU C 131 24.66 -11.77 2.39
CA GLU C 131 24.57 -10.61 1.52
C GLU C 131 23.32 -10.61 0.64
N ASP C 132 22.84 -11.80 0.30
CA ASP C 132 21.68 -11.89 -0.58
C ASP C 132 20.37 -11.92 0.18
N ALA C 133 20.40 -11.66 1.48
CA ALA C 133 19.21 -11.76 2.31
C ALA C 133 18.19 -10.68 1.94
N ARG C 134 16.92 -11.05 1.91
CA ARG C 134 15.86 -10.09 1.64
C ARG C 134 15.37 -9.43 2.93
N THR C 135 15.46 -8.11 2.99
CA THR C 135 14.99 -7.35 4.15
C THR C 135 13.58 -7.78 4.59
N SER C 136 12.70 -7.97 3.61
CA SER C 136 11.32 -8.34 3.91
C SER C 136 11.24 -9.66 4.63
N ALA C 137 12.15 -10.57 4.29
CA ALA C 137 12.19 -11.89 4.91
C ALA C 137 12.66 -11.78 6.35
N LEU C 138 13.73 -11.03 6.56
CA LEU C 138 14.27 -10.80 7.90
C LEU C 138 13.23 -10.12 8.78
N CYS C 139 12.52 -9.14 8.22
CA CYS C 139 11.45 -8.48 8.94
C CYS C 139 10.36 -9.49 9.32
N ALA C 140 9.91 -10.27 8.33
CA ALA C 140 8.83 -11.22 8.59
C ALA C 140 9.21 -12.28 9.59
N ASP C 141 10.43 -12.80 9.48
CA ASP C 141 10.89 -13.85 10.36
C ASP C 141 10.99 -13.33 11.80
N SER C 142 11.53 -12.13 11.97
CA SER C 142 11.65 -11.55 13.31
C SER C 142 10.27 -11.20 13.93
N TYR C 143 9.40 -10.69 13.09
CA TYR C 143 8.05 -10.31 13.48
C TYR C 143 7.28 -11.53 13.93
N ASN C 144 7.36 -12.60 13.14
CA ASN C 144 6.70 -13.86 13.49
C ASN C 144 7.19 -14.49 14.80
N ALA C 145 8.46 -14.27 15.11
CA ALA C 145 9.06 -14.77 16.35
C ALA C 145 8.60 -13.95 17.55
N SER C 146 8.07 -12.76 17.32
CA SER C 146 7.84 -11.79 18.40
C SER C 146 6.44 -11.18 18.45
N LEU C 147 6.28 -10.07 17.74
CA LEU C 147 5.09 -9.24 17.87
C LEU C 147 3.85 -9.85 17.21
N ALA C 148 4.05 -10.69 16.22
CA ALA C 148 2.94 -11.25 15.46
C ALA C 148 1.98 -11.98 16.38
N ALA C 149 2.52 -12.59 17.43
CA ALA C 149 1.71 -13.33 18.39
C ALA C 149 0.64 -12.45 19.05
N TYR C 150 0.91 -11.14 19.13
CA TYR C 150 0.03 -10.21 19.85
C TYR C 150 -0.90 -9.38 18.95
N HIS C 151 -0.72 -9.51 17.65
CA HIS C 151 -1.47 -8.72 16.66
C HIS C 151 -2.57 -9.57 16.02
N PRO C 152 -3.78 -8.99 15.86
CA PRO C 152 -4.87 -9.67 15.15
C PRO C 152 -4.51 -9.83 13.67
N TRP C 153 -5.26 -10.64 12.94
CA TRP C 153 -4.94 -10.91 11.53
C TRP C 153 -4.81 -9.63 10.71
N VAL C 154 -5.74 -8.71 10.93
CA VAL C 154 -5.80 -7.52 10.09
C VAL C 154 -4.62 -6.61 10.39
N VAL C 155 -4.13 -6.63 11.62
CA VAL C 155 -2.95 -5.86 11.93
C VAL C 155 -1.73 -6.52 11.28
N ARG C 156 -1.64 -7.84 11.41
CA ARG C 156 -0.54 -8.58 10.79
C ARG C 156 -0.48 -8.33 9.27
N ARG C 157 -1.64 -8.33 8.62
CA ARG C 157 -1.70 -8.11 7.18
C ARG C 157 -1.16 -6.72 6.84
N ALA C 158 -1.71 -5.69 7.48
CA ALA C 158 -1.25 -4.31 7.26
C ALA C 158 0.27 -4.18 7.47
N VAL C 159 0.77 -4.75 8.57
CA VAL C 159 2.18 -4.64 8.92
C VAL C 159 3.06 -5.30 7.86
N THR C 160 2.63 -6.48 7.41
CA THR C 160 3.36 -7.22 6.40
C THR C 160 3.50 -6.41 5.08
N VAL C 161 2.39 -5.88 4.59
CA VAL C 161 2.46 -5.06 3.37
C VAL C 161 3.54 -3.99 3.52
N ALA C 162 3.74 -3.50 4.74
CA ALA C 162 4.83 -2.56 4.99
C ALA C 162 6.23 -3.14 4.72
N PHE C 163 6.43 -4.42 5.02
CA PHE C 163 7.74 -5.08 4.89
C PHE C 163 8.26 -5.01 3.49
N CYS C 164 7.35 -5.30 2.57
CA CYS C 164 7.68 -5.44 1.18
C CYS C 164 8.08 -4.09 0.61
N THR C 165 7.92 -3.04 1.41
CA THR C 165 8.34 -1.69 1.00
C THR C 165 9.67 -1.25 1.63
N LEU C 166 10.20 -2.04 2.54
CA LEU C 166 11.50 -1.75 3.13
C LEU C 166 12.56 -1.87 2.05
N PRO C 167 13.63 -1.07 2.13
CA PRO C 167 14.65 -1.19 1.09
C PRO C 167 15.51 -2.43 1.32
N THR C 168 16.24 -2.81 0.29
CA THR C 168 17.15 -3.96 0.36
C THR C 168 18.17 -3.82 1.50
N ARG C 169 18.76 -4.96 1.86
CA ARG C 169 19.72 -5.07 2.94
C ARG C 169 20.84 -4.03 2.86
N GLU C 170 21.44 -3.89 1.69
CA GLU C 170 22.57 -2.97 1.56
C GLU C 170 22.13 -1.52 1.77
N VAL C 171 21.03 -1.14 1.15
CA VAL C 171 20.48 0.21 1.33
C VAL C 171 20.08 0.46 2.79
N PHE C 172 19.46 -0.54 3.40
CA PHE C 172 19.03 -0.43 4.78
C PHE C 172 20.23 -0.17 5.68
N LEU C 173 21.29 -0.93 5.49
CA LEU C 173 22.51 -0.75 6.28
C LEU C 173 23.15 0.61 6.03
N GLU C 174 23.17 1.05 4.78
CA GLU C 174 23.70 2.38 4.44
C GLU C 174 22.86 3.47 5.10
N ALA C 175 21.56 3.23 5.20
CA ALA C 175 20.64 4.20 5.80
C ALA C 175 20.95 4.50 7.26
N MET C 176 21.70 3.61 7.90
CA MET C 176 22.05 3.81 9.29
C MET C 176 23.04 4.97 9.48
N ASN C 177 23.66 5.40 8.39
CA ASN C 177 24.59 6.53 8.40
C ASN C 177 25.75 6.37 9.38
N VAL C 178 26.33 5.19 9.42
CA VAL C 178 27.49 4.95 10.29
C VAL C 178 28.64 4.40 9.45
N GLY C 179 28.54 4.60 8.13
CA GLY C 179 29.57 4.16 7.21
C GLY C 179 29.05 3.12 6.24
N PRO C 180 29.97 2.41 5.56
CA PRO C 180 29.63 1.32 4.64
C PRO C 180 28.89 0.20 5.39
N PRO C 181 28.25 -0.72 4.66
CA PRO C 181 27.49 -1.82 5.29
C PRO C 181 28.29 -2.60 6.34
N GLU C 182 29.55 -2.91 6.08
CA GLU C 182 30.34 -3.69 7.03
C GLU C 182 30.57 -2.94 8.33
N GLN C 183 30.71 -1.62 8.24
CA GLN C 183 30.86 -0.81 9.44
C GLN C 183 29.55 -0.75 10.21
N ALA C 184 28.44 -0.79 9.47
CA ALA C 184 27.10 -0.84 10.05
C ALA C 184 26.90 -2.14 10.83
N VAL C 185 27.32 -3.24 10.22
CA VAL C 185 27.26 -4.55 10.86
C VAL C 185 28.04 -4.55 12.17
N GLN C 186 29.20 -3.89 12.16
CA GLN C 186 30.02 -3.83 13.35
C GLN C 186 29.37 -3.00 14.44
N MET C 187 28.78 -1.87 14.06
CA MET C 187 28.12 -1.01 15.03
C MET C 187 27.01 -1.80 15.73
N LEU C 188 26.25 -2.56 14.95
CA LEU C 188 25.14 -3.36 15.49
C LEU C 188 25.66 -4.38 16.49
N GLY C 189 26.84 -4.94 16.21
CA GLY C 189 27.46 -5.89 17.11
C GLY C 189 27.75 -5.31 18.49
N GLU C 190 28.23 -4.07 18.54
CA GLU C 190 28.56 -3.43 19.82
C GLU C 190 27.33 -2.95 20.58
N ALA C 191 26.34 -2.50 19.81
CA ALA C 191 25.21 -1.78 20.37
C ALA C 191 24.13 -2.70 20.97
N LEU C 192 23.89 -3.84 20.33
CA LEU C 192 22.74 -4.66 20.65
C LEU C 192 22.74 -5.29 22.05
N PRO C 193 23.92 -5.68 22.56
CA PRO C 193 23.90 -6.33 23.88
C PRO C 193 23.36 -5.43 25.00
N PHE C 194 23.58 -4.13 24.90
CA PHE C 194 23.13 -3.19 25.91
C PHE C 194 21.61 -3.09 25.91
N ILE C 195 21.04 -3.28 24.73
CA ILE C 195 19.59 -3.22 24.58
C ILE C 195 18.96 -4.51 25.09
N GLN C 196 19.65 -5.63 24.87
CA GLN C 196 19.18 -6.89 25.41
C GLN C 196 19.03 -6.82 26.94
N ARG C 197 19.98 -6.17 27.61
CA ARG C 197 19.88 -6.02 29.06
C ARG C 197 18.63 -5.21 29.46
N VAL C 198 18.40 -4.10 28.75
CA VAL C 198 17.24 -3.28 29.04
C VAL C 198 15.97 -4.07 28.77
N TYR C 199 15.96 -4.79 27.65
CA TYR C 199 14.83 -5.66 27.35
C TYR C 199 14.65 -6.71 28.43
N ASN C 200 15.73 -7.39 28.83
CA ASN C 200 15.68 -8.43 29.88
C ASN C 200 15.10 -7.89 31.18
N VAL C 201 15.56 -6.72 31.57
CA VAL C 201 15.17 -6.13 32.85
C VAL C 201 13.69 -5.76 32.81
N SER C 202 13.27 -5.18 31.68
CA SER C 202 11.86 -4.81 31.47
C SER C 202 10.98 -6.04 31.46
N GLN C 203 11.42 -7.07 30.75
CA GLN C 203 10.66 -8.34 30.72
C GLN C 203 10.53 -8.94 32.10
N LYS C 204 11.64 -8.95 32.85
CA LYS C 204 11.61 -9.45 34.22
C LYS C 204 10.57 -8.70 35.04
N LEU C 205 10.61 -7.37 34.93
CA LEU C 205 9.65 -6.51 35.61
C LEU C 205 8.22 -6.91 35.30
N TYR C 206 7.87 -7.07 34.03
CA TYR C 206 6.49 -7.44 33.68
C TYR C 206 6.15 -8.89 34.07
N ALA C 207 7.07 -9.81 33.86
CA ALA C 207 6.84 -11.23 34.16
C ALA C 207 6.59 -11.46 35.65
N GLU C 208 7.43 -10.88 36.50
CA GLU C 208 7.32 -11.06 37.95
C GLU C 208 6.05 -10.47 38.55
N HIS C 209 5.49 -9.45 37.89
CA HIS C 209 4.24 -8.83 38.34
C HIS C 209 3.04 -9.35 37.56
N SER C 210 3.23 -10.45 36.83
CA SER C 210 2.21 -11.03 35.95
C SER C 210 1.49 -10.02 35.05
N LEU C 211 2.25 -9.16 34.39
CA LEU C 211 1.65 -8.15 33.55
C LEU C 211 1.86 -8.40 32.05
N LEU C 212 2.31 -9.59 31.68
CA LEU C 212 2.69 -9.81 30.28
C LEU C 212 1.52 -9.82 29.32
N ASP C 213 0.31 -9.90 29.85
CA ASP C 213 -0.86 -9.95 29.00
C ASP C 213 -1.88 -8.84 29.25
N LEU C 214 -1.41 -7.68 29.67
CA LEU C 214 -2.32 -6.55 29.94
C LEU C 214 -3.15 -6.23 28.71
N PRO C 215 -4.48 -6.07 28.89
CA PRO C 215 -5.36 -5.73 27.78
C PRO C 215 -5.06 -4.32 27.25
N PHE D 9 -22.85 -14.22 -13.98
CA PHE D 9 -22.51 -13.84 -12.61
C PHE D 9 -22.72 -12.36 -12.37
N ASN D 10 -23.61 -12.03 -11.44
CA ASN D 10 -23.91 -10.65 -11.10
C ASN D 10 -24.48 -10.55 -9.69
N LEU D 11 -24.58 -9.32 -9.18
CA LEU D 11 -24.97 -9.11 -7.78
C LEU D 11 -26.40 -9.54 -7.49
N LYS D 12 -27.26 -9.50 -8.50
CA LYS D 12 -28.64 -9.96 -8.33
C LYS D 12 -28.64 -11.45 -7.98
N VAL D 13 -27.89 -12.25 -8.72
CA VAL D 13 -27.78 -13.68 -8.41
C VAL D 13 -27.44 -13.89 -6.94
N VAL D 14 -26.44 -13.15 -6.45
CA VAL D 14 -26.00 -13.27 -5.07
C VAL D 14 -27.06 -12.84 -4.06
N LEU D 15 -27.59 -11.62 -4.21
CA LEU D 15 -28.59 -11.13 -3.27
C LEU D 15 -29.83 -12.03 -3.18
N VAL D 16 -30.28 -12.55 -4.33
CA VAL D 16 -31.48 -13.40 -4.32
C VAL D 16 -31.20 -14.78 -3.73
N SER D 17 -29.94 -15.20 -3.76
CA SER D 17 -29.58 -16.49 -3.18
C SER D 17 -29.83 -16.53 -1.68
N PHE D 18 -29.95 -15.36 -1.07
CA PHE D 18 -30.30 -15.31 0.36
C PHE D 18 -31.70 -15.87 0.63
N LYS D 19 -32.50 -15.99 -0.43
CA LYS D 19 -33.83 -16.56 -0.27
C LYS D 19 -33.69 -18.01 0.17
N GLN D 20 -32.63 -18.66 -0.31
CA GLN D 20 -32.36 -20.05 0.01
C GLN D 20 -31.88 -20.25 1.44
N CYS D 21 -31.51 -19.16 2.10
CA CYS D 21 -30.96 -19.24 3.47
C CYS D 21 -32.02 -19.46 4.53
N LEU D 22 -33.28 -19.41 4.16
CA LEU D 22 -34.34 -19.63 5.12
C LEU D 22 -35.24 -20.76 4.68
N ASP D 23 -35.51 -21.69 5.59
CA ASP D 23 -36.37 -22.82 5.27
C ASP D 23 -37.82 -22.57 5.67
N GLU D 24 -38.61 -23.65 5.67
CA GLU D 24 -40.03 -23.57 6.01
C GLU D 24 -40.27 -22.90 7.36
N LYS D 25 -39.42 -23.19 8.33
CA LYS D 25 -39.62 -22.70 9.70
C LYS D 25 -38.75 -21.50 10.06
N GLU D 26 -38.12 -20.90 9.04
CA GLU D 26 -37.22 -19.78 9.23
C GLU D 26 -36.00 -20.16 10.08
N GLU D 27 -35.56 -21.41 9.94
CA GLU D 27 -34.20 -21.77 10.30
C GLU D 27 -33.28 -21.09 9.30
N VAL D 28 -32.23 -20.44 9.79
CA VAL D 28 -31.21 -19.92 8.87
C VAL D 28 -30.25 -21.03 8.52
N LEU D 29 -30.33 -21.53 7.29
CA LEU D 29 -29.52 -22.67 6.86
C LEU D 29 -28.09 -22.26 6.58
N LEU D 30 -27.13 -22.99 7.15
CA LEU D 30 -25.73 -22.60 7.07
C LEU D 30 -25.09 -22.79 5.70
N ASP D 31 -25.46 -23.87 4.99
CA ASP D 31 -24.83 -24.12 3.70
C ASP D 31 -25.12 -23.02 2.68
N PRO D 32 -26.40 -22.67 2.52
CA PRO D 32 -26.75 -21.55 1.65
C PRO D 32 -26.15 -20.25 2.15
N TYR D 33 -26.12 -20.06 3.47
CA TYR D 33 -25.56 -18.81 4.03
C TYR D 33 -24.10 -18.68 3.59
N ILE D 34 -23.37 -19.78 3.66
CA ILE D 34 -21.98 -19.76 3.23
C ILE D 34 -21.87 -19.48 1.72
N ALA D 35 -22.74 -20.10 0.94
CA ALA D 35 -22.74 -19.89 -0.51
C ALA D 35 -23.04 -18.45 -0.89
N SER D 36 -23.99 -17.81 -0.22
CA SER D 36 -24.29 -16.41 -0.50
C SER D 36 -23.09 -15.53 -0.18
N TRP D 37 -22.43 -15.81 0.93
CA TRP D 37 -21.27 -15.03 1.34
C TRP D 37 -20.09 -15.17 0.37
N LYS D 38 -19.93 -16.36 -0.21
CA LYS D 38 -18.89 -16.55 -1.22
C LYS D 38 -19.16 -15.66 -2.44
N GLY D 39 -20.42 -15.52 -2.80
CA GLY D 39 -20.80 -14.62 -3.88
C GLY D 39 -20.49 -13.19 -3.53
N LEU D 40 -20.73 -12.80 -2.28
CA LEU D 40 -20.41 -11.44 -1.85
C LEU D 40 -18.91 -11.17 -1.94
N VAL D 41 -18.10 -12.16 -1.56
CA VAL D 41 -16.66 -12.02 -1.65
C VAL D 41 -16.24 -11.87 -3.11
N ARG D 42 -16.77 -12.71 -3.98
CA ARG D 42 -16.43 -12.62 -5.40
C ARG D 42 -16.79 -11.23 -5.95
N PHE D 43 -17.97 -10.74 -5.60
CA PHE D 43 -18.39 -9.41 -6.03
C PHE D 43 -17.44 -8.31 -5.51
N LEU D 44 -17.17 -8.35 -4.21
CA LEU D 44 -16.21 -7.42 -3.61
C LEU D 44 -14.89 -7.44 -4.35
N ASN D 45 -14.34 -8.64 -4.55
CA ASN D 45 -13.07 -8.76 -5.23
C ASN D 45 -13.14 -8.16 -6.63
N SER D 46 -14.32 -8.25 -7.25
CA SER D 46 -14.48 -7.80 -8.63
C SER D 46 -14.37 -6.27 -8.73
N LEU D 47 -14.49 -5.58 -7.61
CA LEU D 47 -14.47 -4.11 -7.61
C LEU D 47 -13.05 -3.55 -7.72
N GLY D 48 -12.07 -4.39 -7.42
CA GLY D 48 -10.68 -3.98 -7.46
C GLY D 48 -10.36 -2.81 -6.56
N THR D 49 -11.05 -2.69 -5.42
CA THR D 49 -10.75 -1.64 -4.46
C THR D 49 -9.77 -2.14 -3.38
N ILE D 50 -9.25 -1.20 -2.60
CA ILE D 50 -8.32 -1.53 -1.53
C ILE D 50 -8.96 -2.51 -0.53
N PHE D 51 -10.29 -2.54 -0.48
CA PHE D 51 -10.98 -3.43 0.46
C PHE D 51 -10.90 -4.90 0.07
N SER D 52 -10.37 -5.18 -1.12
CA SER D 52 -10.07 -6.56 -1.48
C SER D 52 -9.11 -7.15 -0.46
N PHE D 53 -8.38 -6.30 0.25
CA PHE D 53 -7.52 -6.73 1.34
C PHE D 53 -8.29 -7.41 2.49
N ILE D 54 -9.57 -7.10 2.63
CA ILE D 54 -10.35 -7.67 3.73
C ILE D 54 -11.00 -9.01 3.37
N SER D 55 -10.98 -9.35 2.08
CA SER D 55 -11.63 -10.57 1.62
C SER D 55 -11.15 -11.79 2.36
N LYS D 56 -9.85 -11.86 2.64
CA LYS D 56 -9.27 -13.04 3.27
C LYS D 56 -9.91 -13.31 4.62
N ASP D 57 -10.22 -12.24 5.35
CA ASP D 57 -10.81 -12.42 6.68
C ASP D 57 -12.17 -13.07 6.57
N VAL D 58 -12.96 -12.61 5.60
CA VAL D 58 -14.28 -13.19 5.38
C VAL D 58 -14.11 -14.63 4.94
N VAL D 59 -13.12 -14.88 4.09
CA VAL D 59 -12.88 -16.23 3.63
C VAL D 59 -12.44 -17.19 4.75
N SER D 60 -11.60 -16.74 5.65
CA SER D 60 -11.15 -17.61 6.73
CA SER D 60 -11.15 -17.59 6.74
C SER D 60 -12.34 -17.96 7.63
N LYS D 61 -13.25 -17.00 7.78
CA LYS D 61 -14.44 -17.22 8.58
C LYS D 61 -15.38 -18.24 7.95
N LEU D 62 -15.61 -18.13 6.64
CA LEU D 62 -16.39 -19.13 5.92
C LEU D 62 -15.72 -20.50 6.00
N ARG D 63 -14.39 -20.53 5.87
CA ARG D 63 -13.69 -21.81 5.98
C ARG D 63 -13.88 -22.45 7.37
N ILE D 64 -13.82 -21.62 8.41
CA ILE D 64 -14.16 -22.10 9.76
C ILE D 64 -15.51 -22.82 9.78
N MET D 65 -16.53 -22.18 9.21
CA MET D 65 -17.89 -22.72 9.24
C MET D 65 -18.04 -23.97 8.36
N GLU D 66 -17.30 -24.00 7.26
CA GLU D 66 -17.32 -25.14 6.36
C GLU D 66 -16.75 -26.37 7.05
N ARG D 67 -15.67 -26.18 7.81
CA ARG D 67 -15.06 -27.29 8.55
C ARG D 67 -15.95 -27.82 9.67
N LEU D 68 -16.62 -26.90 10.37
CA LEU D 68 -17.59 -27.32 11.36
C LEU D 68 -18.71 -28.09 10.67
N ARG D 69 -19.14 -27.57 9.53
CA ARG D 69 -20.27 -28.15 8.80
C ARG D 69 -19.93 -29.53 8.27
N GLY D 70 -18.64 -29.78 8.00
CA GLY D 70 -18.22 -31.04 7.44
C GLY D 70 -17.56 -31.95 8.44
N GLY D 71 -17.67 -31.62 9.72
CA GLY D 71 -16.96 -32.33 10.77
C GLY D 71 -17.77 -33.38 11.51
N PRO D 72 -17.24 -33.85 12.65
CA PRO D 72 -17.82 -34.92 13.48
C PRO D 72 -19.23 -34.56 13.95
N GLN D 73 -19.50 -33.26 14.01
CA GLN D 73 -20.77 -32.75 14.54
C GLN D 73 -21.58 -32.01 13.48
N SER D 74 -21.30 -32.32 12.21
CA SER D 74 -21.94 -31.67 11.06
C SER D 74 -23.42 -31.40 11.17
N GLU D 75 -24.19 -32.34 11.71
CA GLU D 75 -25.64 -32.19 11.70
C GLU D 75 -26.09 -31.07 12.63
N HIS D 76 -25.24 -30.72 13.61
CA HIS D 76 -25.57 -29.66 14.55
C HIS D 76 -25.30 -28.28 13.94
N TYR D 77 -24.85 -28.27 12.68
CA TYR D 77 -24.54 -27.03 11.98
C TYR D 77 -25.41 -26.82 10.72
N ARG D 78 -26.45 -27.63 10.58
CA ARG D 78 -27.40 -27.44 9.48
C ARG D 78 -27.96 -26.02 9.47
N SER D 79 -28.19 -25.45 10.66
CA SER D 79 -28.76 -24.11 10.80
C SER D 79 -28.09 -23.36 11.94
N LEU D 80 -28.23 -22.04 11.94
CA LEU D 80 -27.69 -21.21 13.02
C LEU D 80 -28.35 -21.56 14.35
N GLN D 81 -29.65 -21.85 14.31
CA GLN D 81 -30.41 -22.24 15.50
C GLN D 81 -29.85 -23.51 16.10
N ALA D 82 -29.55 -24.47 15.24
CA ALA D 82 -29.02 -25.75 15.70
C ALA D 82 -27.64 -25.51 16.27
N MET D 83 -26.87 -24.66 15.58
CA MET D 83 -25.50 -24.36 16.01
C MET D 83 -25.48 -23.72 17.41
N VAL D 84 -26.32 -22.74 17.60
CA VAL D 84 -26.39 -22.06 18.91
C VAL D 84 -26.73 -23.06 20.03
N ALA D 85 -27.80 -23.83 19.82
CA ALA D 85 -28.17 -24.85 20.81
C ALA D 85 -26.99 -25.79 21.11
N HIS D 86 -26.37 -26.31 20.06
CA HIS D 86 -25.29 -27.27 20.20
C HIS D 86 -24.06 -26.70 20.91
N GLU D 87 -23.61 -25.54 20.48
CA GLU D 87 -22.38 -24.98 21.02
C GLU D 87 -22.56 -24.47 22.46
N LEU D 88 -23.70 -23.86 22.76
CA LEU D 88 -23.93 -23.41 24.13
C LEU D 88 -24.13 -24.63 25.03
N SER D 89 -24.86 -25.63 24.54
CA SER D 89 -25.17 -26.77 25.38
C SER D 89 -23.92 -27.58 25.73
N ASN D 90 -22.96 -27.62 24.81
CA ASN D 90 -21.69 -28.30 25.04
C ASN D 90 -20.58 -27.41 25.57
N ARG D 91 -20.94 -26.19 25.95
CA ARG D 91 -19.97 -25.25 26.49
C ARG D 91 -18.83 -24.97 25.50
N LEU D 92 -19.18 -24.69 24.25
CA LEU D 92 -18.18 -24.49 23.20
C LEU D 92 -18.02 -23.03 22.77
N VAL D 93 -18.53 -22.10 23.57
CA VAL D 93 -18.48 -20.69 23.22
C VAL D 93 -17.87 -19.87 24.35
N ASP D 94 -16.88 -19.04 24.02
CA ASP D 94 -16.30 -18.13 25.00
C ASP D 94 -17.24 -16.94 25.19
N LEU D 95 -17.92 -16.91 26.33
CA LEU D 95 -18.96 -15.92 26.55
C LEU D 95 -18.43 -14.55 27.01
N GLU D 96 -17.26 -14.53 27.63
CA GLU D 96 -16.77 -13.29 28.24
C GLU D 96 -15.44 -12.83 27.66
N ARG D 97 -14.53 -13.77 27.42
CA ARG D 97 -13.25 -13.44 26.83
C ARG D 97 -12.78 -14.59 25.96
N ARG D 98 -12.06 -14.28 24.88
CA ARG D 98 -11.59 -15.32 23.98
C ARG D 98 -10.53 -16.30 24.49
N SER D 99 -10.97 -17.49 24.90
CA SER D 99 -10.11 -18.44 25.58
C SER D 99 -9.86 -19.77 24.89
N HIS D 100 -10.69 -20.75 25.20
CA HIS D 100 -10.51 -22.11 24.72
C HIS D 100 -11.22 -22.31 23.39
N HIS D 101 -12.13 -21.39 23.05
CA HIS D 101 -12.90 -21.54 21.82
C HIS D 101 -12.89 -20.25 21.01
N PRO D 102 -11.70 -19.85 20.56
CA PRO D 102 -11.50 -18.59 19.83
C PRO D 102 -12.27 -18.57 18.52
N GLU D 103 -12.59 -19.75 17.98
CA GLU D 103 -13.23 -19.82 16.67
C GLU D 103 -14.52 -20.62 16.67
N SER D 104 -15.31 -20.49 17.72
CA SER D 104 -16.63 -21.10 17.76
C SER D 104 -17.48 -20.63 16.56
N GLY D 105 -18.37 -21.50 16.09
CA GLY D 105 -19.29 -21.10 15.05
C GLY D 105 -20.07 -19.85 15.43
N CYS D 106 -20.46 -19.78 16.71
CA CYS D 106 -21.27 -18.68 17.22
C CYS D 106 -20.57 -17.32 17.06
N ARG D 107 -19.31 -17.23 17.49
CA ARG D 107 -18.61 -15.96 17.46
C ARG D 107 -18.22 -15.61 16.03
N THR D 108 -18.06 -16.64 15.22
CA THR D 108 -17.61 -16.48 13.84
C THR D 108 -18.74 -15.92 12.99
N VAL D 109 -19.90 -16.58 13.06
CA VAL D 109 -21.07 -16.14 12.32
C VAL D 109 -21.48 -14.71 12.75
N LEU D 110 -21.27 -14.38 14.03
CA LEU D 110 -21.59 -13.04 14.50
C LEU D 110 -20.84 -11.97 13.71
N ARG D 111 -19.59 -12.25 13.35
CA ARG D 111 -18.86 -11.28 12.54
C ARG D 111 -19.44 -11.11 11.13
N LEU D 112 -19.87 -12.23 10.52
CA LEU D 112 -20.50 -12.15 9.21
C LEU D 112 -21.87 -11.45 9.30
N HIS D 113 -22.59 -11.76 10.37
CA HIS D 113 -23.87 -11.13 10.67
C HIS D 113 -23.75 -9.60 10.79
N ARG D 114 -22.81 -9.11 11.61
CA ARG D 114 -22.63 -7.67 11.74
C ARG D 114 -22.26 -7.04 10.39
N ALA D 115 -21.44 -7.74 9.62
CA ALA D 115 -21.05 -7.26 8.30
C ALA D 115 -22.27 -7.24 7.37
N LEU D 116 -23.16 -8.20 7.54
CA LEU D 116 -24.39 -8.22 6.74
C LEU D 116 -25.23 -6.99 7.04
N HIS D 117 -25.20 -6.53 8.29
CA HIS D 117 -25.90 -5.32 8.66
C HIS D 117 -25.36 -4.13 7.89
N TRP D 118 -24.04 -3.97 7.89
CA TRP D 118 -23.43 -2.86 7.15
C TRP D 118 -23.76 -2.90 5.66
N LEU D 119 -23.67 -4.09 5.08
CA LEU D 119 -23.91 -4.26 3.65
C LEU D 119 -25.32 -3.83 3.27
N GLN D 120 -26.28 -4.26 4.08
CA GLN D 120 -27.68 -3.92 3.91
C GLN D 120 -27.86 -2.41 3.95
N LEU D 121 -27.32 -1.78 4.98
CA LEU D 121 -27.39 -0.33 5.11
C LEU D 121 -26.80 0.39 3.90
N PHE D 122 -25.63 -0.08 3.46
CA PHE D 122 -24.92 0.55 2.35
C PHE D 122 -25.71 0.42 1.05
N LEU D 123 -26.14 -0.79 0.72
CA LEU D 123 -26.82 -1.03 -0.55
C LEU D 123 -28.17 -0.31 -0.60
N GLU D 124 -28.84 -0.22 0.54
CA GLU D 124 -30.09 0.55 0.63
C GLU D 124 -29.84 2.03 0.39
N GLY D 125 -28.77 2.57 0.97
CA GLY D 125 -28.41 3.96 0.77
C GLY D 125 -28.01 4.23 -0.67
N LEU D 126 -27.31 3.26 -1.25
CA LEU D 126 -26.92 3.35 -2.65
C LEU D 126 -28.16 3.31 -3.53
N ARG D 127 -29.09 2.41 -3.20
CA ARG D 127 -30.31 2.25 -3.97
C ARG D 127 -31.10 3.56 -4.07
N THR D 128 -31.19 4.27 -2.95
CA THR D 128 -32.01 5.47 -2.87
C THR D 128 -31.22 6.76 -3.06
N SER D 129 -29.94 6.64 -3.40
CA SER D 129 -29.06 7.80 -3.48
C SER D 129 -29.28 8.60 -4.75
N PRO D 130 -29.03 9.91 -4.69
CA PRO D 130 -29.01 10.79 -5.86
C PRO D 130 -27.85 10.40 -6.77
N GLU D 131 -27.94 10.70 -8.07
CA GLU D 131 -26.89 10.31 -9.01
C GLU D 131 -25.54 10.94 -8.73
N ASP D 132 -25.53 11.94 -7.84
CA ASP D 132 -24.30 12.65 -7.49
C ASP D 132 -23.81 12.29 -6.08
N ALA D 133 -24.52 11.35 -5.43
CA ALA D 133 -24.06 10.82 -4.15
C ALA D 133 -22.66 10.23 -4.29
N ARG D 134 -21.85 10.39 -3.26
CA ARG D 134 -20.50 9.84 -3.24
C ARG D 134 -20.48 8.48 -2.54
N THR D 135 -19.94 7.48 -3.22
CA THR D 135 -19.82 6.14 -2.66
C THR D 135 -19.09 6.23 -1.33
N SER D 136 -18.06 7.05 -1.29
CA SER D 136 -17.28 7.22 -0.08
C SER D 136 -18.18 7.59 1.09
N ALA D 137 -19.13 8.48 0.83
CA ALA D 137 -20.00 8.98 1.89
C ALA D 137 -21.07 7.96 2.32
N LEU D 138 -21.63 7.25 1.35
CA LEU D 138 -22.62 6.21 1.65
C LEU D 138 -22.00 5.13 2.55
N CYS D 139 -20.71 4.88 2.34
CA CYS D 139 -20.01 3.84 3.09
C CYS D 139 -19.69 4.26 4.52
N ALA D 140 -19.24 5.49 4.72
CA ALA D 140 -18.92 5.99 6.06
C ALA D 140 -20.19 6.14 6.89
N ASP D 141 -21.22 6.74 6.28
CA ASP D 141 -22.51 6.89 6.92
C ASP D 141 -23.05 5.55 7.40
N SER D 142 -22.99 4.54 6.54
CA SER D 142 -23.48 3.22 6.91
C SER D 142 -22.52 2.50 7.86
N TYR D 143 -21.21 2.67 7.67
CA TYR D 143 -20.22 2.04 8.53
C TYR D 143 -20.29 2.57 9.97
N ASN D 144 -20.41 3.88 10.11
CA ASN D 144 -20.52 4.46 11.44
C ASN D 144 -21.83 4.06 12.09
N ALA D 145 -22.86 3.93 11.27
CA ALA D 145 -24.19 3.55 11.73
C ALA D 145 -24.21 2.13 12.30
N SER D 146 -23.35 1.26 11.79
CA SER D 146 -23.27 -0.11 12.32
C SER D 146 -21.96 -0.75 12.76
N LEU D 147 -21.25 -1.30 11.78
CA LEU D 147 -20.04 -2.08 12.02
C LEU D 147 -18.94 -1.37 12.84
N ALA D 148 -18.85 -0.05 12.73
CA ALA D 148 -17.76 0.68 13.37
C ALA D 148 -17.70 0.39 14.86
N ALA D 149 -18.87 0.21 15.46
CA ALA D 149 -18.97 0.04 16.92
C ALA D 149 -18.20 -1.17 17.44
N TYR D 150 -17.94 -2.17 16.59
CA TYR D 150 -17.26 -3.39 17.04
C TYR D 150 -15.78 -3.45 16.67
N HIS D 151 -15.28 -2.42 16.00
CA HIS D 151 -13.86 -2.42 15.60
C HIS D 151 -13.06 -1.45 16.47
N PRO D 152 -11.82 -1.83 16.79
CA PRO D 152 -10.95 -0.94 17.56
C PRO D 152 -10.68 0.32 16.77
N TRP D 153 -10.43 1.43 17.46
CA TRP D 153 -10.28 2.73 16.80
C TRP D 153 -9.26 2.70 15.65
N VAL D 154 -8.14 2.02 15.86
CA VAL D 154 -7.11 1.94 14.81
C VAL D 154 -7.66 1.40 13.50
N VAL D 155 -8.54 0.40 13.59
CA VAL D 155 -9.21 -0.17 12.42
C VAL D 155 -10.27 0.77 11.90
N ARG D 156 -11.10 1.30 12.80
CA ARG D 156 -12.14 2.26 12.43
C ARG D 156 -11.57 3.39 11.58
N ARG D 157 -10.54 4.07 12.09
CA ARG D 157 -9.98 5.24 11.42
C ARG D 157 -9.44 4.89 10.03
N ALA D 158 -8.64 3.84 9.95
CA ALA D 158 -8.09 3.39 8.68
C ALA D 158 -9.17 3.04 7.65
N VAL D 159 -10.18 2.30 8.07
CA VAL D 159 -11.29 1.95 7.19
C VAL D 159 -11.99 3.21 6.69
N THR D 160 -12.19 4.18 7.58
CA THR D 160 -12.88 5.40 7.23
C THR D 160 -12.10 6.20 6.20
N VAL D 161 -10.80 6.32 6.43
CA VAL D 161 -9.92 6.96 5.45
C VAL D 161 -9.98 6.26 4.10
N ALA D 162 -9.91 4.92 4.13
CA ALA D 162 -9.92 4.14 2.90
C ALA D 162 -11.19 4.31 2.08
N PHE D 163 -12.29 4.69 2.73
CA PHE D 163 -13.52 4.94 1.98
C PHE D 163 -13.31 6.01 0.90
N CYS D 164 -12.47 7.00 1.18
CA CYS D 164 -12.23 8.10 0.23
C CYS D 164 -11.69 7.62 -1.11
N THR D 165 -11.15 6.40 -1.16
CA THR D 165 -10.56 5.87 -2.39
C THR D 165 -11.54 5.10 -3.26
N LEU D 166 -12.76 4.90 -2.78
CA LEU D 166 -13.74 4.09 -3.52
C LEU D 166 -14.13 4.74 -4.83
N PRO D 167 -14.54 3.93 -5.82
CA PRO D 167 -14.97 4.45 -7.12
C PRO D 167 -16.31 5.16 -7.02
N THR D 168 -16.78 5.66 -8.15
CA THR D 168 -18.01 6.45 -8.18
C THR D 168 -19.24 5.57 -8.06
N ARG D 169 -20.32 6.18 -7.59
CA ARG D 169 -21.62 5.53 -7.51
C ARG D 169 -21.95 4.81 -8.80
N GLU D 170 -21.64 5.44 -9.93
CA GLU D 170 -21.98 4.88 -11.23
C GLU D 170 -21.19 3.62 -11.51
N VAL D 171 -19.88 3.69 -11.32
CA VAL D 171 -19.02 2.54 -11.52
C VAL D 171 -19.50 1.41 -10.62
N PHE D 172 -19.88 1.77 -9.39
CA PHE D 172 -20.35 0.80 -8.43
C PHE D 172 -21.58 0.07 -8.93
N LEU D 173 -22.57 0.82 -9.37
CA LEU D 173 -23.81 0.24 -9.86
C LEU D 173 -23.56 -0.61 -11.10
N GLU D 174 -22.71 -0.11 -11.99
CA GLU D 174 -22.40 -0.81 -13.22
C GLU D 174 -21.61 -2.09 -12.95
N ALA D 175 -20.91 -2.12 -11.82
CA ALA D 175 -20.14 -3.30 -11.42
C ALA D 175 -21.04 -4.46 -11.03
N MET D 176 -22.30 -4.16 -10.70
CA MET D 176 -23.25 -5.18 -10.30
C MET D 176 -23.61 -6.06 -11.48
N ASN D 177 -23.29 -5.57 -12.67
CA ASN D 177 -23.40 -6.36 -13.89
C ASN D 177 -24.83 -6.77 -14.21
N VAL D 178 -25.78 -5.87 -13.98
CA VAL D 178 -27.18 -6.14 -14.33
C VAL D 178 -27.74 -5.08 -15.27
N GLY D 179 -26.87 -4.40 -16.01
CA GLY D 179 -27.29 -3.33 -16.90
C GLY D 179 -26.81 -1.98 -16.41
N PRO D 180 -27.47 -0.89 -16.85
CA PRO D 180 -27.10 0.48 -16.45
C PRO D 180 -27.55 0.81 -15.03
N PRO D 181 -27.01 1.89 -14.45
CA PRO D 181 -27.38 2.32 -13.10
C PRO D 181 -28.89 2.21 -12.85
N GLU D 182 -29.69 2.66 -13.80
CA GLU D 182 -31.15 2.64 -13.65
C GLU D 182 -31.65 1.23 -13.36
N GLN D 183 -31.10 0.25 -14.07
CA GLN D 183 -31.51 -1.15 -13.86
C GLN D 183 -31.00 -1.67 -12.52
N ALA D 184 -29.83 -1.22 -12.11
CA ALA D 184 -29.24 -1.66 -10.84
C ALA D 184 -30.08 -1.20 -9.65
N VAL D 185 -30.46 0.06 -9.64
CA VAL D 185 -31.27 0.59 -8.54
C VAL D 185 -32.56 -0.21 -8.37
N GLN D 186 -33.18 -0.58 -9.48
CA GLN D 186 -34.41 -1.36 -9.42
C GLN D 186 -34.14 -2.77 -8.92
N MET D 187 -33.05 -3.36 -9.38
CA MET D 187 -32.65 -4.68 -8.94
C MET D 187 -32.52 -4.70 -7.42
N LEU D 188 -31.89 -3.68 -6.87
CA LEU D 188 -31.64 -3.62 -5.42
C LEU D 188 -32.95 -3.64 -4.66
N GLY D 189 -33.92 -2.85 -5.11
CA GLY D 189 -35.25 -2.84 -4.51
C GLY D 189 -35.93 -4.19 -4.60
N GLU D 190 -35.66 -4.90 -5.68
CA GLU D 190 -36.20 -6.24 -5.89
C GLU D 190 -35.53 -7.28 -4.97
N ALA D 191 -34.22 -7.12 -4.76
CA ALA D 191 -33.42 -8.17 -4.14
C ALA D 191 -33.14 -7.99 -2.64
N LEU D 192 -33.03 -6.74 -2.18
CA LEU D 192 -32.67 -6.50 -0.78
C LEU D 192 -33.55 -7.21 0.28
N PRO D 193 -34.85 -7.36 0.02
CA PRO D 193 -35.72 -7.98 1.03
C PRO D 193 -35.24 -9.35 1.52
N PHE D 194 -34.60 -10.12 0.64
CA PHE D 194 -34.14 -11.46 1.04
C PHE D 194 -33.04 -11.41 2.09
N ILE D 195 -32.08 -10.51 1.89
CA ILE D 195 -30.97 -10.40 2.84
C ILE D 195 -31.46 -9.76 4.15
N GLN D 196 -32.43 -8.87 4.04
CA GLN D 196 -33.03 -8.24 5.21
C GLN D 196 -33.71 -9.25 6.13
N ARG D 197 -34.44 -10.19 5.53
CA ARG D 197 -35.14 -11.20 6.32
C ARG D 197 -34.15 -12.16 7.00
N VAL D 198 -33.09 -12.53 6.28
CA VAL D 198 -32.06 -13.39 6.86
C VAL D 198 -31.37 -12.68 8.04
N TYR D 199 -31.07 -11.40 7.86
CA TYR D 199 -30.49 -10.62 8.95
C TYR D 199 -31.43 -10.57 10.14
N ASN D 200 -32.71 -10.26 9.90
CA ASN D 200 -33.67 -10.14 11.00
C ASN D 200 -33.80 -11.40 11.84
N VAL D 201 -33.89 -12.55 11.17
CA VAL D 201 -34.03 -13.82 11.88
C VAL D 201 -32.75 -14.13 12.64
N SER D 202 -31.62 -13.89 11.99
CA SER D 202 -30.32 -14.14 12.62
C SER D 202 -30.14 -13.27 13.87
N GLN D 203 -30.43 -11.98 13.74
CA GLN D 203 -30.36 -11.04 14.85
C GLN D 203 -31.25 -11.45 16.04
N LYS D 204 -32.46 -11.90 15.73
CA LYS D 204 -33.37 -12.29 16.80
C LYS D 204 -32.83 -13.51 17.57
N LEU D 205 -32.26 -14.46 16.85
CA LEU D 205 -31.63 -15.63 17.48
C LEU D 205 -30.50 -15.22 18.43
N TYR D 206 -29.58 -14.41 17.93
CA TYR D 206 -28.45 -13.96 18.73
C TYR D 206 -28.91 -13.13 19.94
N ALA D 207 -29.84 -12.23 19.72
CA ALA D 207 -30.35 -11.39 20.80
C ALA D 207 -31.03 -12.22 21.88
N GLU D 208 -31.82 -13.21 21.47
CA GLU D 208 -32.60 -13.99 22.45
C GLU D 208 -31.74 -14.85 23.38
N HIS D 209 -30.53 -15.17 22.91
CA HIS D 209 -29.58 -15.96 23.66
C HIS D 209 -28.47 -15.09 24.26
N SER D 210 -28.67 -13.76 24.25
CA SER D 210 -27.67 -12.81 24.75
C SER D 210 -26.27 -12.96 24.15
N LEU D 211 -26.20 -13.20 22.84
CA LEU D 211 -24.92 -13.50 22.19
C LEU D 211 -24.42 -12.32 21.32
N LEU D 212 -24.98 -11.14 21.51
CA LEU D 212 -24.68 -10.01 20.64
C LEU D 212 -23.28 -9.42 20.87
N ASP D 213 -22.68 -9.76 22.00
CA ASP D 213 -21.38 -9.24 22.38
C ASP D 213 -20.28 -10.30 22.51
N LEU D 214 -20.37 -11.41 21.77
CA LEU D 214 -19.34 -12.46 21.89
C LEU D 214 -17.97 -11.95 21.47
N PRO D 215 -16.94 -12.26 22.26
CA PRO D 215 -15.56 -11.85 21.93
C PRO D 215 -14.96 -12.68 20.79
CAS 1PZ E . 2.89 15.88 1.91
CAF 1PZ E . 2.09 15.56 0.65
CAG 1PZ E . 3.04 15.50 -0.57
CAH 1PZ E . 2.22 15.60 -1.87
CAI 1PZ E . 3.16 15.41 -3.08
CAJ 1PZ E . 2.33 15.43 -4.37
CAK 1PZ E . 3.27 15.20 -5.58
CAL 1PZ E . 3.76 13.74 -5.59
CAM 1PZ E . 4.46 13.43 -6.94
CAN 1PZ E . 4.88 11.93 -6.97
CAO 1PZ E . 5.48 11.60 -8.36
CAP 1PZ E . 5.61 10.04 -8.51
CAQ 1PZ E . 7.03 9.59 -8.10
CAE 1PZ E . 7.94 9.59 -9.32
CAD 1PZ E . 7.77 10.56 -10.31
CAC 1PZ E . 8.83 10.77 -11.41
OAR 1PZ E . 8.45 10.09 -12.55
CAB 1PZ E . 8.95 12.26 -11.72
CAA 1PZ E . 9.71 12.44 -13.01
OBB 1PZ E . 11.06 12.02 -12.84
PAX 1PZ E . 11.78 11.16 -13.97
OAZ 1PZ E . 11.17 9.70 -13.87
OBA 1PZ E . 11.63 11.75 -15.31
OAY 1PZ E . 13.19 11.05 -13.55
NAW 1PZ E . 9.66 12.91 -10.65
CAU 1PZ E . 9.16 14.08 -10.10
OAV 1PZ E . 8.07 14.73 -10.56
CAT 1PZ E . 9.94 14.60 -8.85
CBC 1PZ E . 9.36 13.96 -7.56
CBD 1PZ E . 8.29 14.87 -6.98
CBE 1PZ E . 8.68 15.26 -5.53
CBF 1PZ E . 7.41 15.66 -4.73
CBG 1PZ E . 7.74 16.82 -3.75
CBH 1PZ E . 7.37 16.39 -2.31
CBI 1PZ E . 8.07 17.32 -1.31
CBJ 1PZ E . 7.15 17.57 -0.12
CBK 1PZ E . 7.87 18.44 0.92
CBL 1PZ E . 6.86 19.15 1.78
CAS 1PZ F . 2.23 7.60 -2.90
CAF 1PZ F . 1.83 8.27 -4.19
CAG 1PZ F . 1.56 7.20 -5.24
CAH 1PZ F . 2.48 7.31 -6.44
CAI 1PZ F . 2.77 5.91 -7.04
CAJ 1PZ F . 2.49 5.90 -8.50
CAK 1PZ F . 2.86 4.56 -9.14
CAL 1PZ F . 1.60 3.72 -9.30
CAM 1PZ F . 1.89 2.61 -10.33
CAN 1PZ F . 0.83 1.47 -10.34
CAO 1PZ F . 1.22 0.56 -11.53
CAP 1PZ F . 0.11 -0.45 -11.98
CAQ 1PZ F . 0.56 -1.22 -13.23
CAE 1PZ F . 1.33 -0.40 -14.24
CAD 1PZ F . 0.64 0.10 -15.29
CAC 1PZ F . 0.98 0.94 -16.53
OAR 1PZ F . 1.70 2.06 -16.32
CAB 1PZ F . 1.73 0.08 -17.53
CAA 1PZ F . 1.90 0.83 -18.84
OBB 1PZ F . 0.70 1.35 -19.29
PAX 1PZ F . 0.37 2.86 -19.40
OAZ 1PZ F . -0.97 2.80 -20.11
OBA 1PZ F . 0.22 3.41 -18.13
OAY 1PZ F . 1.29 3.44 -20.26
NAW 1PZ F . 1.07 -1.15 -17.67
CAU 1PZ F . 1.69 -2.33 -17.99
OAV 1PZ F . 2.97 -2.55 -18.03
CAT 1PZ F . 0.76 -3.49 -18.34
CBC 1PZ F . 1.41 -4.74 -17.74
CBD 1PZ F . 1.08 -4.75 -16.28
CBE 1PZ F . 1.22 -6.12 -15.55
CBF 1PZ F . 1.59 -7.29 -16.47
CBG 1PZ F . 1.01 -8.56 -15.90
CBH 1PZ F . 1.83 -9.76 -16.32
CBI 1PZ F . 2.22 -10.45 -15.03
CBJ 1PZ F . 3.29 -11.46 -15.29
CBK 1PZ F . 3.50 -12.14 -13.97
CBL 1PZ F . 4.90 -12.59 -13.87
CAS 1PZ G . -8.76 -2.26 3.46
CAF 1PZ G . -9.01 -1.17 4.45
CAG 1PZ G . -7.69 -0.95 5.16
CAH 1PZ G . -7.72 -1.68 6.49
CAI 1PZ G . -6.65 -1.05 7.41
CAJ 1PZ G . -7.07 -1.31 8.82
CAK 1PZ G . -6.08 -2.23 9.47
CAL 1PZ G . -4.87 -1.34 9.84
CAM 1PZ G . -4.19 -1.72 11.16
CAN 1PZ G . -2.79 -1.05 11.14
CAO 1PZ G . -2.32 -0.76 12.57
CAP 1PZ G . -0.84 -0.25 12.61
CAQ 1PZ G . -0.21 -0.22 14.01
CAE 1PZ G . -1.13 -0.56 15.14
CAD 1PZ G . -0.91 -1.64 15.95
CAC 1PZ G . -1.43 -1.60 17.40
OAR 1PZ G . -2.64 -2.14 17.47
CAB 1PZ G . -0.51 -2.27 18.38
CAA 1PZ G . -1.19 -2.46 19.72
OBB 1PZ G . -1.68 -1.28 20.25
PAX 1PZ G . -3.02 -1.24 21.00
OAZ 1PZ G . -3.91 -1.21 19.84
OBA 1PZ G . -3.25 -2.36 21.79
OAY 1PZ G . -3.02 -0.01 21.67
NAW 1PZ G . 0.66 -1.50 18.46
CAU 1PZ G . 1.89 -2.08 18.49
OAV 1PZ G . 2.09 -3.34 18.48
CAT 1PZ G . 3.13 -1.17 18.55
CBC 1PZ G . 3.48 -0.62 17.17
CBD 1PZ G . 4.47 -1.46 16.43
CBE 1PZ G . 5.88 -1.17 16.96
CBF 1PZ G . 6.79 -0.68 15.86
CBG 1PZ G . 7.91 -1.69 15.58
CBH 1PZ G . 9.27 -0.98 15.55
CBI 1PZ G . 10.41 -1.95 15.29
CBJ 1PZ G . 10.19 -2.60 13.97
CBK 1PZ G . 11.45 -3.15 13.36
CBL 1PZ G . 11.08 -3.89 12.11
CAS 1PZ H . -16.67 -2.16 -1.76
CAF 1PZ H . -16.51 -1.41 -0.43
CAG 1PZ H . -16.25 -2.42 0.69
CAH 1PZ H . -16.14 -1.68 2.03
CAI 1PZ H . -17.12 -2.30 3.06
CAJ 1PZ H . -16.32 -2.84 4.26
CAK 1PZ H . -16.48 -1.87 5.45
CAL 1PZ H . -15.99 -2.56 6.74
CAM 1PZ H . -14.55 -3.09 6.53
CAN 1PZ H . -14.01 -3.68 7.87
CAO 1PZ H . -12.78 -4.57 7.58
CAP 1PZ H . -11.75 -4.43 8.75
CAQ 1PZ H . -10.89 -5.72 8.86
CAE 1PZ H . -11.10 -6.35 10.22
CAD 1PZ H . -11.27 -7.72 10.34
CAC 1PZ H . -11.63 -8.38 11.69
OAR 1PZ H . -10.94 -7.73 12.71
CAB 1PZ H . -13.11 -8.27 11.93
CAA 1PZ H . -13.46 -8.88 13.27
OBB 1PZ H . -13.14 -10.26 13.25
PAX 1PZ H . -12.34 -10.91 14.47
OAZ 1PZ H . -10.89 -10.29 14.42
OBA 1PZ H . -13.01 -10.70 15.77
OAY 1PZ H . -12.19 -12.35 14.13
NAW 1PZ H . -13.82 -8.97 10.89
CAU 1PZ H . -14.95 -8.40 10.31
OAV 1PZ H . -15.53 -7.26 10.74
CAT 1PZ H . -15.52 -9.19 9.10
CBC 1PZ H . -16.24 -8.20 8.13
CBD 1PZ H . -15.23 -7.60 7.18
CBE 1PZ H . -15.95 -6.61 6.22
CBF 1PZ H . -16.84 -7.40 5.23
CBG 1PZ H . -17.17 -6.51 3.99
CBH 1PZ H . -17.88 -7.36 2.93
CBI 1PZ H . -18.82 -6.46 2.10
CBJ 1PZ H . -18.97 -7.04 0.69
CBK 1PZ H . -19.54 -5.97 -0.25
CBL 1PZ H . -19.85 -6.59 -1.59
#